data_2LA0
#
_entry.id   2LA0
#
_entity_poly.entity_id   1
_entity_poly.type   'polypeptide(L)'
_entity_poly.pdbx_seq_one_letter_code
;GWVACVGACGTVCLASGGVGTEFAAAS(DTY)FL
;
_entity_poly.pdbx_strand_id   A
#
# COMPACT_ATOMS: atom_id res chain seq x y z
N GLY A 1 -6.57 6.96 10.57
CA GLY A 1 -7.26 7.49 9.41
C GLY A 1 -6.91 6.75 8.14
N TRP A 2 -7.42 7.24 7.01
CA TRP A 2 -7.14 6.61 5.72
C TRP A 2 -5.73 6.92 5.25
N VAL A 3 -5.20 8.06 5.69
CA VAL A 3 -3.85 8.47 5.32
C VAL A 3 -2.82 7.47 5.81
N ALA A 4 -3.15 6.77 6.88
CA ALA A 4 -2.24 5.76 7.45
C ALA A 4 -2.22 4.50 6.60
N CYS A 5 -3.37 4.16 6.03
CA CYS A 5 -3.49 2.97 5.19
C CYS A 5 -2.68 3.12 3.91
N VAL A 6 -2.88 4.25 3.22
CA VAL A 6 -2.18 4.52 1.98
C VAL A 6 -0.67 4.56 2.19
N GLY A 7 -0.26 4.94 3.41
CA GLY A 7 1.15 5.02 3.73
C GLY A 7 1.72 3.67 4.12
N ALA A 8 0.91 2.83 4.77
CA ALA A 8 1.35 1.52 5.20
C ALA A 8 1.61 0.61 4.00
N CYS A 9 0.94 0.91 2.89
CA CYS A 9 1.10 0.11 1.67
C CYS A 9 2.57 0.03 1.27
N GLY A 10 3.34 1.03 1.65
CA GLY A 10 4.76 1.04 1.32
C GLY A 10 5.46 -0.24 1.72
N THR A 11 5.19 -0.71 2.94
CA THR A 11 5.81 -1.93 3.45
C THR A 11 5.45 -3.13 2.57
N VAL A 12 4.21 -3.15 2.09
CA VAL A 12 3.75 -4.23 1.23
C VAL A 12 4.35 -4.14 -0.15
N CYS A 13 4.18 -2.99 -0.80
CA CYS A 13 4.72 -2.78 -2.14
C CYS A 13 6.21 -3.03 -2.17
N LEU A 14 6.90 -2.70 -1.07
CA LEU A 14 8.33 -2.90 -0.98
C LEU A 14 8.69 -4.38 -1.01
N ALA A 15 7.89 -5.18 -0.31
CA ALA A 15 8.12 -6.63 -0.25
C ALA A 15 8.15 -7.23 -1.67
N SER A 16 7.34 -6.68 -2.56
CA SER A 16 7.27 -7.17 -3.93
C SER A 16 8.07 -6.25 -4.86
N GLY A 17 9.01 -5.51 -4.30
CA GLY A 17 9.84 -4.62 -5.09
C GLY A 17 9.19 -3.26 -5.28
N GLY A 18 8.00 -3.24 -5.85
CA GLY A 18 7.30 -1.99 -6.08
C GLY A 18 6.60 -1.95 -7.43
N VAL A 19 5.96 -3.05 -7.79
CA VAL A 19 5.25 -3.14 -9.06
C VAL A 19 4.06 -2.20 -9.09
N GLY A 20 3.20 -2.29 -8.07
CA GLY A 20 2.03 -1.44 -8.00
C GLY A 20 1.77 -0.93 -6.59
N THR A 21 2.69 -0.11 -6.08
CA THR A 21 2.56 0.43 -4.74
C THR A 21 1.19 1.07 -4.53
N GLU A 22 0.75 1.86 -5.51
CA GLU A 22 -0.54 2.53 -5.45
C GLU A 22 -1.67 1.50 -5.38
N PHE A 23 -1.46 0.35 -6.00
CA PHE A 23 -2.46 -0.71 -6.02
C PHE A 23 -2.55 -1.39 -4.64
N ALA A 24 -1.40 -1.77 -4.10
CA ALA A 24 -1.35 -2.43 -2.81
C ALA A 24 -1.95 -1.54 -1.72
N ALA A 25 -1.92 -0.23 -1.95
CA ALA A 25 -2.46 0.73 -0.99
C ALA A 25 -3.97 0.57 -0.86
N ALA A 26 -4.61 0.04 -1.90
CA ALA A 26 -6.05 -0.15 -1.89
C ALA A 26 -6.47 -1.12 -0.79
N SER A 27 -5.55 -1.98 -0.39
CA SER A 27 -5.82 -2.97 0.66
C SER A 27 -6.37 -2.28 1.90
N DTY A 28 -5.65 -1.28 2.39
CA DTY A 28 -6.07 -0.55 3.58
C DTY A 28 -7.48 0.01 3.41
O DTY A 28 -8.19 0.21 4.39
CB DTY A 28 -6.00 -1.46 4.81
CG DTY A 28 -4.60 -1.88 5.19
CD1 DTY A 28 -4.03 -3.02 4.63
CD2 DTY A 28 -3.85 -1.14 6.08
CE1 DTY A 28 -2.75 -3.41 4.97
CE2 DTY A 28 -2.56 -1.53 6.42
CZ DTY A 28 -2.02 -2.66 5.86
OH DTY A 28 -0.74 -3.05 6.20
H DTY A 28 -4.82 -1.02 1.93
HB2 DTY A 28 -6.58 -2.35 4.62
HB3 DTY A 28 -6.43 -0.93 5.66
HD1 DTY A 28 -4.61 -3.61 3.93
HD2 DTY A 28 -4.27 -0.25 6.52
HE1 DTY A 28 -2.33 -4.30 4.53
HE2 DTY A 28 -1.99 -0.94 7.12
HH DTY A 28 -0.34 -3.51 5.45
N PHE A 29 -7.87 0.24 2.17
CA PHE A 29 -9.19 0.77 1.86
C PHE A 29 -10.24 -0.34 1.88
N LEU A 30 -9.91 -1.45 1.23
CA LEU A 30 -10.83 -2.59 1.17
C LEU A 30 -10.70 -3.47 2.41
N GLY A 1 -6.38 6.32 11.16
CA GLY A 1 -7.40 6.23 10.13
C GLY A 1 -6.80 6.06 8.75
N TRP A 2 -7.05 7.03 7.87
CA TRP A 2 -6.54 6.98 6.51
C TRP A 2 -5.02 6.83 6.50
N VAL A 3 -4.38 7.30 7.57
CA VAL A 3 -2.93 7.22 7.69
C VAL A 3 -2.46 5.77 7.74
N ALA A 4 -3.35 4.88 8.20
CA ALA A 4 -3.02 3.47 8.30
C ALA A 4 -3.01 2.82 6.92
N CYS A 5 -4.02 3.12 6.11
CA CYS A 5 -4.13 2.56 4.77
C CYS A 5 -2.98 3.04 3.88
N VAL A 6 -2.74 4.35 3.89
CA VAL A 6 -1.67 4.93 3.10
C VAL A 6 -0.31 4.35 3.47
N GLY A 7 -0.20 3.88 4.72
CA GLY A 7 1.04 3.30 5.19
C GLY A 7 1.45 2.08 4.38
N ALA A 8 0.60 1.06 4.40
CA ALA A 8 0.87 -0.17 3.67
C ALA A 8 0.80 0.05 2.16
N CYS A 9 0.03 1.06 1.76
CA CYS A 9 -0.13 1.39 0.35
C CYS A 9 1.23 1.63 -0.32
N GLY A 10 2.21 2.03 0.49
CA GLY A 10 3.54 2.29 -0.03
C GLY A 10 4.61 1.53 0.72
N THR A 11 4.62 1.67 2.05
CA THR A 11 5.60 1.00 2.88
C THR A 11 5.58 -0.51 2.65
N VAL A 12 4.41 -1.12 2.83
CA VAL A 12 4.26 -2.56 2.64
C VAL A 12 4.28 -2.92 1.16
N CYS A 13 3.90 -1.97 0.31
CA CYS A 13 3.88 -2.19 -1.13
C CYS A 13 5.24 -2.65 -1.63
N LEU A 14 6.28 -1.97 -1.18
CA LEU A 14 7.65 -2.30 -1.58
C LEU A 14 8.03 -3.70 -1.10
N ALA A 15 7.58 -4.03 0.11
CA ALA A 15 7.87 -5.34 0.70
C ALA A 15 7.40 -6.47 -0.21
N SER A 16 6.33 -6.20 -0.95
CA SER A 16 5.76 -7.20 -1.85
C SER A 16 6.20 -6.94 -3.30
N GLY A 17 6.66 -5.72 -3.55
CA GLY A 17 7.10 -5.36 -4.89
C GLY A 17 6.55 -4.03 -5.34
N GLY A 18 7.43 -3.15 -5.80
CA GLY A 18 7.01 -1.84 -6.26
C GLY A 18 6.12 -1.91 -7.48
N VAL A 19 6.17 -3.04 -8.18
CA VAL A 19 5.36 -3.25 -9.38
C VAL A 19 3.87 -3.20 -9.05
N GLY A 20 3.53 -3.53 -7.80
CA GLY A 20 2.15 -3.52 -7.39
C GLY A 20 1.86 -2.44 -6.37
N THR A 21 2.71 -1.42 -6.32
CA THR A 21 2.54 -0.32 -5.38
C THR A 21 1.13 0.24 -5.45
N GLU A 22 0.66 0.50 -6.67
CA GLU A 22 -0.69 1.04 -6.87
C GLU A 22 -1.74 0.07 -6.34
N PHE A 23 -1.43 -1.21 -6.38
CA PHE A 23 -2.36 -2.23 -5.91
C PHE A 23 -2.44 -2.23 -4.38
N ALA A 24 -1.36 -1.81 -3.74
CA ALA A 24 -1.31 -1.77 -2.28
C ALA A 24 -2.35 -0.78 -1.73
N ALA A 25 -2.39 0.42 -2.31
CA ALA A 25 -3.32 1.44 -1.88
C ALA A 25 -4.75 0.91 -1.88
N ALA A 26 -5.04 -0.01 -2.80
CA ALA A 26 -6.37 -0.59 -2.91
C ALA A 26 -6.73 -1.37 -1.65
N SER A 27 -5.72 -1.90 -0.98
CA SER A 27 -5.93 -2.66 0.25
C SER A 27 -6.76 -1.87 1.25
N DTY A 28 -6.19 -0.77 1.74
CA DTY A 28 -6.89 0.09 2.70
C DTY A 28 -8.24 0.53 2.16
O DTY A 28 -9.15 0.84 2.91
CB DTY A 28 -7.07 -0.66 4.02
CG DTY A 28 -5.79 -0.86 4.79
CD1 DTY A 28 -5.59 -0.26 6.02
CD2 DTY A 28 -4.77 -1.66 4.28
CE1 DTY A 28 -4.42 -0.45 6.73
CE2 DTY A 28 -3.59 -1.85 4.97
CZ DTY A 28 -3.43 -1.25 6.21
OH DTY A 28 -2.26 -1.43 6.90
H DTY A 28 -5.30 -0.52 1.44
HB2 DTY A 28 -7.51 -1.62 3.83
HB3 DTY A 28 -7.75 -0.09 4.65
HD1 DTY A 28 -6.37 0.36 6.44
HD2 DTY A 28 -4.91 -2.13 3.32
HE1 DTY A 28 -4.29 0.03 7.70
HE2 DTY A 28 -2.82 -2.48 4.56
HH DTY A 28 -2.11 -2.37 7.03
N PHE A 29 -8.36 0.59 0.83
CA PHE A 29 -9.59 1.01 0.19
C PHE A 29 -10.62 -0.11 0.22
N LEU A 30 -10.15 -1.35 0.29
CA LEU A 30 -11.03 -2.51 0.33
C LEU A 30 -11.53 -2.77 1.74
N GLY A 1 -5.73 7.41 10.64
CA GLY A 1 -6.08 8.20 9.47
C GLY A 1 -6.05 7.40 8.19
N TRP A 2 -6.27 8.06 7.07
CA TRP A 2 -6.26 7.41 5.77
C TRP A 2 -4.83 7.14 5.30
N VAL A 3 -3.93 8.05 5.63
CA VAL A 3 -2.52 7.92 5.25
C VAL A 3 -1.91 6.69 5.88
N ALA A 4 -2.47 6.24 7.00
CA ALA A 4 -1.96 5.07 7.70
C ALA A 4 -2.43 3.79 7.02
N CYS A 5 -3.61 3.84 6.42
CA CYS A 5 -4.18 2.68 5.74
C CYS A 5 -3.34 2.31 4.53
N VAL A 6 -3.29 3.21 3.55
CA VAL A 6 -2.53 2.98 2.33
C VAL A 6 -1.05 2.76 2.64
N GLY A 7 -0.60 3.33 3.76
CA GLY A 7 0.79 3.20 4.15
C GLY A 7 1.15 1.77 4.53
N ALA A 8 0.14 0.98 4.86
CA ALA A 8 0.34 -0.41 5.25
C ALA A 8 0.84 -1.24 4.07
N CYS A 9 0.03 -1.28 3.01
CA CYS A 9 0.38 -2.04 1.81
C CYS A 9 1.53 -1.37 1.06
N GLY A 10 1.67 -0.07 1.25
CA GLY A 10 2.73 0.67 0.58
C GLY A 10 4.11 0.16 0.95
N THR A 11 4.40 0.11 2.25
CA THR A 11 5.69 -0.36 2.73
C THR A 11 5.95 -1.80 2.29
N VAL A 12 4.89 -2.59 2.22
CA VAL A 12 5.00 -3.98 1.81
C VAL A 12 5.28 -4.09 0.31
N CYS A 13 4.83 -3.10 -0.44
CA CYS A 13 5.03 -3.08 -1.88
C CYS A 13 6.51 -3.21 -2.23
N LEU A 14 7.35 -2.45 -1.53
CA LEU A 14 8.78 -2.48 -1.76
C LEU A 14 9.38 -3.82 -1.36
N ALA A 15 9.03 -4.28 -0.16
CA ALA A 15 9.51 -5.56 0.34
C ALA A 15 9.16 -6.70 -0.62
N SER A 16 8.08 -6.51 -1.37
CA SER A 16 7.64 -7.53 -2.33
C SER A 16 8.18 -7.23 -3.72
N GLY A 17 8.60 -5.99 -3.94
CA GLY A 17 9.13 -5.61 -5.23
C GLY A 17 9.22 -4.11 -5.40
N GLY A 18 8.13 -3.51 -5.89
CA GLY A 18 8.11 -2.06 -6.10
C GLY A 18 7.48 -1.68 -7.42
N VAL A 19 7.43 -2.63 -8.35
CA VAL A 19 6.85 -2.38 -9.66
C VAL A 19 5.36 -2.10 -9.57
N GLY A 20 4.66 -2.91 -8.79
CA GLY A 20 3.23 -2.74 -8.62
C GLY A 20 2.88 -2.11 -7.28
N THR A 21 3.72 -1.20 -6.82
CA THR A 21 3.49 -0.52 -5.55
C THR A 21 2.08 0.05 -5.48
N GLU A 22 1.65 0.71 -6.54
CA GLU A 22 0.32 1.30 -6.60
C GLU A 22 -0.75 0.23 -6.47
N PHE A 23 -0.45 -0.97 -6.96
CA PHE A 23 -1.39 -2.08 -6.92
C PHE A 23 -1.52 -2.62 -5.49
N ALA A 24 -0.38 -2.88 -4.86
CA ALA A 24 -0.35 -3.41 -3.50
C ALA A 24 -1.04 -2.45 -2.53
N ALA A 25 -0.59 -1.19 -2.54
CA ALA A 25 -1.18 -0.17 -1.67
C ALA A 25 -2.53 0.31 -2.20
N ALA A 26 -3.48 -0.61 -2.28
CA ALA A 26 -4.82 -0.28 -2.77
C ALA A 26 -5.49 0.73 -1.86
N SER A 27 -5.95 0.28 -0.70
CA SER A 27 -6.63 1.15 0.25
C SER A 27 -7.08 0.36 1.48
N DTY A 28 -6.67 0.81 2.66
CA DTY A 28 -7.03 0.15 3.90
C DTY A 28 -8.55 0.15 4.09
O DTY A 28 -9.09 -0.65 4.86
CB DTY A 28 -6.50 -1.28 3.92
CG DTY A 28 -6.42 -1.88 5.31
CD1 DTY A 28 -5.40 -1.53 6.18
CD2 DTY A 28 -7.36 -2.80 5.75
CE1 DTY A 28 -5.32 -2.06 7.44
CE2 DTY A 28 -7.30 -3.35 7.01
CZ DTY A 28 -6.27 -2.97 7.86
OH DTY A 28 -6.19 -3.52 9.12
H DTY A 28 -6.11 1.62 2.69
HB2 DTY A 28 -5.52 -1.30 3.49
HB3 DTY A 28 -7.15 -1.91 3.33
HD1 DTY A 28 -4.65 -0.81 5.85
HD2 DTY A 28 -8.17 -3.08 5.09
HE1 DTY A 28 -4.52 -1.78 8.11
HE2 DTY A 28 -8.04 -4.06 7.34
HH DTY A 28 -5.29 -3.46 9.44
N PHE A 29 -9.23 1.05 3.38
CA PHE A 29 -10.68 1.14 3.47
C PHE A 29 -11.36 0.03 2.67
N LEU A 30 -11.04 -0.05 1.39
CA LEU A 30 -11.62 -1.06 0.51
C LEU A 30 -10.82 -2.36 0.60
N GLY A 1 -6.46 4.88 10.41
CA GLY A 1 -6.45 6.25 9.98
C GLY A 1 -6.34 6.40 8.48
N TRP A 2 -6.92 7.47 7.94
CA TRP A 2 -6.88 7.71 6.50
C TRP A 2 -5.44 7.77 5.99
N VAL A 3 -4.67 8.70 6.53
CA VAL A 3 -3.27 8.86 6.13
C VAL A 3 -2.47 7.61 6.46
N ALA A 4 -2.92 6.87 7.45
CA ALA A 4 -2.25 5.63 7.86
C ALA A 4 -2.51 4.50 6.88
N CYS A 5 -3.63 4.59 6.18
CA CYS A 5 -4.01 3.57 5.20
C CYS A 5 -3.03 3.55 4.03
N VAL A 6 -2.97 4.66 3.31
CA VAL A 6 -2.08 4.77 2.16
C VAL A 6 -0.62 4.63 2.58
N GLY A 7 -0.30 5.15 3.77
CA GLY A 7 1.06 5.07 4.27
C GLY A 7 1.60 3.66 4.25
N ALA A 8 0.94 2.77 4.97
CA ALA A 8 1.37 1.37 5.04
C ALA A 8 1.18 0.68 3.69
N CYS A 9 0.27 1.20 2.88
CA CYS A 9 -0.01 0.64 1.56
C CYS A 9 1.28 0.48 0.76
N GLY A 10 2.18 1.45 0.90
CA GLY A 10 3.44 1.41 0.17
C GLY A 10 4.43 0.44 0.79
N THR A 11 4.35 0.29 2.11
CA THR A 11 5.24 -0.61 2.83
C THR A 11 5.14 -2.04 2.29
N VAL A 12 3.92 -2.44 1.92
CA VAL A 12 3.69 -3.77 1.40
C VAL A 12 4.24 -3.91 -0.01
N CYS A 13 4.38 -2.78 -0.71
CA CYS A 13 4.90 -2.78 -2.07
C CYS A 13 6.27 -3.45 -2.13
N LEU A 14 7.12 -3.12 -1.16
CA LEU A 14 8.47 -3.69 -1.10
C LEU A 14 8.41 -5.19 -0.88
N ALA A 15 7.52 -5.62 0.01
CA ALA A 15 7.36 -7.04 0.33
C ALA A 15 7.04 -7.84 -0.93
N SER A 16 6.45 -7.17 -1.93
CA SER A 16 6.10 -7.82 -3.18
C SER A 16 7.16 -7.57 -4.25
N GLY A 17 7.97 -6.56 -4.02
CA GLY A 17 9.03 -6.23 -4.98
C GLY A 17 9.26 -4.73 -5.09
N GLY A 18 8.35 -4.04 -5.77
CA GLY A 18 8.48 -2.60 -5.93
C GLY A 18 8.04 -2.15 -7.31
N VAL A 19 7.99 -3.06 -8.25
CA VAL A 19 7.57 -2.74 -9.62
C VAL A 19 6.13 -2.25 -9.65
N GLY A 20 5.30 -2.77 -8.75
CA GLY A 20 3.91 -2.37 -8.70
C GLY A 20 3.57 -1.62 -7.42
N THR A 21 4.42 -0.66 -7.06
CA THR A 21 4.21 0.13 -5.86
C THR A 21 2.79 0.68 -5.80
N GLU A 22 2.36 1.30 -6.90
CA GLU A 22 1.02 1.87 -6.98
C GLU A 22 -0.05 0.79 -6.81
N PHE A 23 0.30 -0.44 -7.20
CA PHE A 23 -0.63 -1.55 -7.09
C PHE A 23 -0.79 -1.99 -5.63
N ALA A 24 0.29 -1.86 -4.87
CA ALA A 24 0.27 -2.24 -3.46
C ALA A 24 -0.78 -1.45 -2.68
N ALA A 25 -0.86 -0.15 -2.96
CA ALA A 25 -1.83 0.71 -2.29
C ALA A 25 -3.22 0.53 -2.88
N ALA A 26 -3.74 -0.69 -2.80
CA ALA A 26 -5.06 -1.00 -3.32
C ALA A 26 -6.13 -0.16 -2.64
N SER A 27 -6.27 -0.33 -1.33
CA SER A 27 -7.26 0.41 -0.56
C SER A 27 -7.24 -0.01 0.90
N DTY A 28 -6.68 0.84 1.75
CA DTY A 28 -6.60 0.56 3.18
C DTY A 28 -8.00 0.39 3.79
O DTY A 28 -8.15 -0.20 4.86
CB DTY A 28 -5.77 -0.70 3.42
CG DTY A 28 -5.25 -0.81 4.84
CD1 DTY A 28 -5.83 -1.68 5.75
CD2 DTY A 28 -4.16 -0.06 5.26
CE1 DTY A 28 -5.36 -1.79 7.05
CE2 DTY A 28 -3.68 -0.15 6.55
CZ DTY A 28 -4.28 -1.02 7.44
OH DTY A 28 -3.80 -1.13 8.73
H DTY A 28 -6.33 1.68 1.41
HB2 DTY A 28 -4.93 -0.69 2.76
HB3 DTY A 28 -6.38 -1.58 3.23
HD1 DTY A 28 -6.68 -2.28 5.44
HD2 DTY A 28 -3.69 0.62 4.57
HE1 DTY A 28 -5.83 -2.47 7.74
HE2 DTY A 28 -2.83 0.44 6.86
HH DTY A 28 -3.03 -1.70 8.73
N PHE A 29 -9.01 0.90 3.08
CA PHE A 29 -10.38 0.80 3.55
C PHE A 29 -10.96 -0.57 3.25
N LEU A 30 -10.71 -1.06 2.04
CA LEU A 30 -11.20 -2.37 1.62
C LEU A 30 -10.29 -3.49 2.11
N GLY A 1 -7.40 9.23 8.56
CA GLY A 1 -6.17 9.28 7.80
C GLY A 1 -6.03 8.12 6.84
N TRP A 2 -6.41 8.34 5.59
CA TRP A 2 -6.34 7.30 4.56
C TRP A 2 -4.89 6.86 4.35
N VAL A 3 -3.96 7.75 4.64
CA VAL A 3 -2.54 7.44 4.49
C VAL A 3 -2.10 6.34 5.46
N ALA A 4 -2.82 6.22 6.57
CA ALA A 4 -2.52 5.21 7.57
C ALA A 4 -2.92 3.82 7.09
N CYS A 5 -4.10 3.74 6.47
CA CYS A 5 -4.61 2.47 5.96
C CYS A 5 -3.71 1.93 4.85
N VAL A 6 -3.44 2.76 3.85
CA VAL A 6 -2.59 2.35 2.73
C VAL A 6 -1.20 1.97 3.21
N GLY A 7 -0.79 2.55 4.34
CA GLY A 7 0.53 2.26 4.88
C GLY A 7 0.73 0.78 5.15
N ALA A 8 -0.37 0.04 5.28
CA ALA A 8 -0.32 -1.39 5.54
C ALA A 8 0.24 -2.14 4.33
N CYS A 9 -0.44 -2.02 3.20
CA CYS A 9 -0.03 -2.69 1.97
C CYS A 9 1.18 -1.98 1.35
N GLY A 10 1.32 -0.69 1.64
CA GLY A 10 2.43 0.08 1.11
C GLY A 10 3.78 -0.46 1.57
N THR A 11 3.82 -0.95 2.81
CA THR A 11 5.05 -1.48 3.37
C THR A 11 5.57 -2.66 2.54
N VAL A 12 4.68 -3.61 2.27
CA VAL A 12 5.05 -4.79 1.49
C VAL A 12 5.23 -4.43 0.03
N CYS A 13 4.51 -3.42 -0.43
CA CYS A 13 4.59 -2.98 -1.82
C CYS A 13 6.03 -2.66 -2.20
N LEU A 14 6.61 -1.66 -1.54
CA LEU A 14 7.98 -1.25 -1.80
C LEU A 14 8.96 -2.37 -1.48
N ALA A 15 8.68 -3.10 -0.39
CA ALA A 15 9.53 -4.19 0.03
C ALA A 15 9.67 -5.24 -1.07
N SER A 16 8.61 -5.43 -1.83
CA SER A 16 8.62 -6.40 -2.93
C SER A 16 8.81 -5.71 -4.27
N GLY A 17 9.38 -4.51 -4.23
CA GLY A 17 9.62 -3.76 -5.45
C GLY A 17 9.13 -2.32 -5.35
N GLY A 18 7.90 -2.10 -5.78
CA GLY A 18 7.34 -0.75 -5.74
C GLY A 18 6.61 -0.38 -7.02
N VAL A 19 6.91 -1.10 -8.09
CA VAL A 19 6.28 -0.84 -9.38
C VAL A 19 4.77 -1.08 -9.32
N GLY A 20 4.36 -1.93 -8.39
CA GLY A 20 2.94 -2.23 -8.24
C GLY A 20 2.38 -1.73 -6.92
N THR A 21 3.05 -0.74 -6.34
CA THR A 21 2.62 -0.16 -5.06
C THR A 21 1.13 0.20 -5.11
N GLU A 22 0.70 0.75 -6.22
CA GLU A 22 -0.70 1.15 -6.39
C GLU A 22 -1.63 -0.06 -6.29
N PHE A 23 -1.15 -1.21 -6.77
CA PHE A 23 -1.94 -2.43 -6.73
C PHE A 23 -2.00 -2.99 -5.30
N ALA A 24 -0.84 -3.24 -4.72
CA ALA A 24 -0.75 -3.77 -3.36
C ALA A 24 -1.40 -2.82 -2.37
N ALA A 25 -0.88 -1.59 -2.29
CA ALA A 25 -1.42 -0.59 -1.37
C ALA A 25 -2.70 0.01 -1.91
N ALA A 26 -3.71 -0.84 -2.11
CA ALA A 26 -5.00 -0.39 -2.62
C ALA A 26 -5.65 0.62 -1.67
N SER A 27 -6.13 0.12 -0.54
CA SER A 27 -6.79 0.97 0.45
C SER A 27 -7.29 0.14 1.63
N DTY A 28 -6.92 0.55 2.84
CA DTY A 28 -7.33 -0.16 4.04
C DTY A 28 -8.86 -0.15 4.17
O DTY A 28 -9.43 -0.97 4.90
CB DTY A 28 -6.82 -1.59 4.03
CG DTY A 28 -6.78 -2.23 5.40
CD1 DTY A 28 -7.75 -3.16 5.77
CD2 DTY A 28 -5.79 -1.91 6.31
CE1 DTY A 28 -7.73 -3.75 7.02
CE2 DTY A 28 -5.76 -2.50 7.57
CZ DTY A 28 -6.74 -3.42 7.91
OH DTY A 28 -6.71 -4.01 9.15
H DTY A 28 -6.35 1.35 2.92
HB2 DTY A 28 -5.81 -1.60 3.65
HB3 DTY A 28 -7.45 -2.19 3.40
HD1 DTY A 28 -8.53 -3.41 5.07
HD2 DTY A 28 -5.04 -1.20 6.04
HE1 DTY A 28 -8.49 -4.47 7.29
HE2 DTY A 28 -4.99 -2.25 8.26
HH DTY A 28 -6.03 -4.68 9.18
N PHE A 29 -9.50 0.77 3.47
CA PHE A 29 -10.96 0.88 3.50
C PHE A 29 -11.61 -0.20 2.65
N LEU A 30 -10.92 -0.60 1.58
CA LEU A 30 -11.42 -1.62 0.68
C LEU A 30 -11.10 -3.02 1.20
N GLY A 1 -7.88 9.23 9.07
CA GLY A 1 -6.96 8.11 9.24
C GLY A 1 -6.49 7.55 7.90
N TRP A 2 -6.30 8.43 6.93
CA TRP A 2 -5.85 8.01 5.60
C TRP A 2 -4.41 7.52 5.65
N VAL A 3 -3.61 8.11 6.54
CA VAL A 3 -2.21 7.72 6.68
C VAL A 3 -2.08 6.28 7.16
N ALA A 4 -3.05 5.83 7.95
CA ALA A 4 -3.04 4.47 8.46
C ALA A 4 -3.46 3.48 7.39
N CYS A 5 -4.41 3.88 6.55
CA CYS A 5 -4.89 3.02 5.48
C CYS A 5 -3.78 2.75 4.46
N VAL A 6 -3.00 3.78 4.16
CA VAL A 6 -1.91 3.65 3.20
C VAL A 6 -0.87 2.64 3.68
N GLY A 7 -0.28 2.92 4.85
CA GLY A 7 0.72 2.02 5.39
C GLY A 7 0.16 0.65 5.73
N ALA A 8 -1.16 0.59 5.90
CA ALA A 8 -1.82 -0.68 6.22
C ALA A 8 -1.74 -1.65 5.05
N CYS A 9 -1.56 -1.11 3.85
CA CYS A 9 -1.48 -1.93 2.65
C CYS A 9 -0.44 -3.04 2.82
N GLY A 10 0.83 -2.66 2.79
CA GLY A 10 1.90 -3.62 2.94
C GLY A 10 3.26 -3.03 2.66
N THR A 11 4.18 -3.19 3.60
CA THR A 11 5.54 -2.66 3.46
C THR A 11 6.23 -3.26 2.25
N VAL A 12 5.72 -4.40 1.79
CA VAL A 12 6.29 -5.08 0.63
C VAL A 12 5.99 -4.32 -0.66
N CYS A 13 5.00 -3.43 -0.60
CA CYS A 13 4.61 -2.65 -1.76
C CYS A 13 5.81 -1.89 -2.33
N LEU A 14 6.34 -0.97 -1.54
CA LEU A 14 7.49 -0.17 -1.97
C LEU A 14 8.72 -1.05 -2.16
N ALA A 15 8.79 -2.14 -1.39
CA ALA A 15 9.91 -3.07 -1.48
C ALA A 15 10.08 -3.60 -2.90
N SER A 16 8.99 -3.58 -3.66
CA SER A 16 9.00 -4.07 -5.04
C SER A 16 9.24 -2.92 -6.02
N GLY A 17 9.83 -1.83 -5.52
CA GLY A 17 10.11 -0.69 -6.37
C GLY A 17 8.95 0.28 -6.43
N GLY A 18 7.75 -0.24 -6.67
CA GLY A 18 6.58 0.61 -6.75
C GLY A 18 5.48 0.00 -7.60
N VAL A 19 5.85 -0.96 -8.45
CA VAL A 19 4.88 -1.63 -9.31
C VAL A 19 3.84 -2.38 -8.49
N GLY A 20 4.23 -2.82 -7.30
CA GLY A 20 3.33 -3.56 -6.43
C GLY A 20 2.51 -2.64 -5.55
N THR A 21 2.86 -1.37 -5.52
CA THR A 21 2.16 -0.39 -4.71
C THR A 21 0.65 -0.46 -4.96
N GLU A 22 0.27 -0.40 -6.23
CA GLU A 22 -1.15 -0.47 -6.60
C GLU A 22 -1.77 -1.78 -6.14
N PHE A 23 -0.95 -2.81 -6.02
CA PHE A 23 -1.42 -4.12 -5.60
C PHE A 23 -1.63 -4.15 -4.08
N ALA A 24 -0.55 -3.95 -3.34
CA ALA A 24 -0.61 -3.96 -1.88
C ALA A 24 -1.50 -2.83 -1.36
N ALA A 25 -1.15 -1.60 -1.69
CA ALA A 25 -1.92 -0.44 -1.26
C ALA A 25 -3.18 -0.27 -2.10
N ALA A 26 -4.04 -1.29 -2.08
CA ALA A 26 -5.28 -1.26 -2.85
C ALA A 26 -6.15 -0.08 -2.42
N SER A 27 -6.70 -0.16 -1.22
CA SER A 27 -7.57 0.89 -0.69
C SER A 27 -8.10 0.52 0.69
N DTY A 28 -7.55 1.16 1.71
CA DTY A 28 -7.97 0.90 3.08
C DTY A 28 -9.45 1.23 3.28
O DTY A 28 -10.09 0.77 4.21
CB DTY A 28 -7.72 -0.56 3.45
CG DTY A 28 -7.68 -0.81 4.94
CD1 DTY A 28 -6.57 -0.46 5.70
CD2 DTY A 28 -8.76 -1.41 5.59
CE1 DTY A 28 -6.53 -0.70 7.06
CE2 DTY A 28 -8.73 -1.64 6.95
CZ DTY A 28 -7.62 -1.28 7.69
OH DTY A 28 -7.58 -1.51 9.04
H DTY A 28 -6.84 1.82 1.55
HB2 DTY A 28 -6.77 -0.87 3.04
HB3 DTY A 28 -8.50 -1.17 3.03
HD1 DTY A 28 -5.72 -0.01 5.20
HD2 DTY A 28 -9.63 -1.68 5.02
HE1 DTY A 28 -5.66 -0.41 7.64
HE2 DTY A 28 -9.58 -2.10 7.45
HH DTY A 28 -6.76 -1.95 9.27
N PHE A 29 -9.98 2.05 2.36
CA PHE A 29 -11.39 2.44 2.43
C PHE A 29 -12.29 1.34 1.90
N LEU A 30 -11.90 0.74 0.78
CA LEU A 30 -12.67 -0.33 0.17
C LEU A 30 -12.33 -1.68 0.80
N GLY A 1 -7.45 9.05 7.35
CA GLY A 1 -8.27 8.50 6.28
C GLY A 1 -7.51 7.50 5.44
N TRP A 2 -7.77 7.51 4.14
CA TRP A 2 -7.11 6.58 3.22
C TRP A 2 -5.61 6.88 3.12
N VAL A 3 -5.25 8.12 3.39
CA VAL A 3 -3.85 8.53 3.35
C VAL A 3 -3.01 7.76 4.35
N ALA A 4 -3.65 7.36 5.45
CA ALA A 4 -2.96 6.61 6.50
C ALA A 4 -2.77 5.15 6.10
N CYS A 5 -3.72 4.63 5.32
CA CYS A 5 -3.66 3.25 4.87
C CYS A 5 -2.49 3.04 3.92
N VAL A 6 -2.11 4.10 3.21
CA VAL A 6 -1.01 4.03 2.26
C VAL A 6 0.29 3.63 2.96
N GLY A 7 0.37 3.94 4.26
CA GLY A 7 1.56 3.62 5.03
C GLY A 7 1.84 2.13 5.05
N ALA A 8 0.82 1.35 5.38
CA ALA A 8 0.96 -0.10 5.45
C ALA A 8 1.14 -0.71 4.06
N CYS A 9 0.61 -0.02 3.05
CA CYS A 9 0.71 -0.48 1.67
C CYS A 9 2.17 -0.57 1.24
N GLY A 10 2.95 0.42 1.64
CA GLY A 10 4.36 0.44 1.28
C GLY A 10 5.08 -0.84 1.67
N THR A 11 4.70 -1.40 2.81
CA THR A 11 5.31 -2.64 3.29
C THR A 11 5.17 -3.76 2.27
N VAL A 12 3.92 -4.04 1.88
CA VAL A 12 3.65 -5.08 0.90
C VAL A 12 4.09 -4.67 -0.50
N CYS A 13 4.14 -3.37 -0.73
CA CYS A 13 4.54 -2.84 -2.03
C CYS A 13 5.91 -3.38 -2.43
N LEU A 14 6.73 -3.69 -1.44
CA LEU A 14 8.07 -4.21 -1.69
C LEU A 14 8.00 -5.57 -2.39
N ALA A 15 7.41 -6.54 -1.72
CA ALA A 15 7.27 -7.89 -2.27
C ALA A 15 6.53 -7.85 -3.61
N SER A 16 5.64 -6.87 -3.75
CA SER A 16 4.87 -6.74 -4.98
C SER A 16 5.52 -5.72 -5.93
N GLY A 17 6.81 -5.50 -5.74
CA GLY A 17 7.53 -4.56 -6.59
C GLY A 17 7.31 -3.12 -6.16
N GLY A 18 8.40 -2.41 -5.87
CA GLY A 18 8.29 -1.03 -5.45
C GLY A 18 7.79 -0.13 -6.56
N VAL A 19 7.90 -0.60 -7.80
CA VAL A 19 7.45 0.17 -8.96
C VAL A 19 5.96 0.44 -8.90
N GLY A 20 5.22 -0.45 -8.23
CA GLY A 20 3.78 -0.29 -8.11
C GLY A 20 3.35 0.00 -6.68
N THR A 21 4.11 0.83 -6.00
CA THR A 21 3.81 1.19 -4.62
C THR A 21 2.36 1.62 -4.47
N GLU A 22 1.92 2.52 -5.34
CA GLU A 22 0.55 3.02 -5.31
C GLU A 22 -0.44 1.89 -5.54
N PHE A 23 -0.02 0.88 -6.30
CA PHE A 23 -0.87 -0.27 -6.59
C PHE A 23 -1.04 -1.16 -5.37
N ALA A 24 0.04 -1.32 -4.60
CA ALA A 24 0.02 -2.14 -3.40
C ALA A 24 -1.02 -1.63 -2.41
N ALA A 25 -1.24 -0.31 -2.43
CA ALA A 25 -2.20 0.30 -1.52
C ALA A 25 -3.64 -0.05 -1.92
N ALA A 26 -4.07 -1.25 -1.56
CA ALA A 26 -5.42 -1.72 -1.87
C ALA A 26 -6.47 -0.84 -1.19
N SER A 27 -6.52 -0.91 0.13
CA SER A 27 -7.47 -0.13 0.90
C SER A 27 -7.35 -0.42 2.40
N DTY A 28 -6.77 0.51 3.13
CA DTY A 28 -6.59 0.34 4.57
C DTY A 28 -7.93 0.20 5.28
O DTY A 28 -8.00 -0.30 6.40
CB DTY A 28 -5.70 -0.86 4.86
CG DTY A 28 -5.08 -0.85 6.24
CD1 DTY A 28 -5.59 -1.65 7.27
CD2 DTY A 28 -4.00 -0.04 6.52
CE1 DTY A 28 -5.03 -1.64 8.53
CE2 DTY A 28 -3.43 -0.02 7.79
CZ DTY A 28 -3.95 -0.81 8.78
OH DTY A 28 -3.39 -0.80 10.04
H DTY A 28 -6.45 1.33 2.70
HB2 DTY A 28 -4.90 -0.90 4.14
HB3 DTY A 28 -6.30 -1.76 4.78
HD1 DTY A 28 -6.44 -2.28 7.06
HD2 DTY A 28 -3.59 0.59 5.74
HE1 DTY A 28 -5.44 -2.26 9.31
HE2 DTY A 28 -2.58 0.63 7.99
HH DTY A 28 -2.43 -0.91 9.96
N PHE A 29 -8.99 0.63 4.61
CA PHE A 29 -10.34 0.55 5.17
C PHE A 29 -10.90 -0.87 5.03
N LEU A 30 -10.42 -1.59 4.02
CA LEU A 30 -10.87 -2.96 3.78
C LEU A 30 -10.03 -3.96 4.57
N GLY A 1 -8.68 7.09 9.85
CA GLY A 1 -7.32 6.59 9.77
C GLY A 1 -6.88 6.28 8.35
N TRP A 2 -7.41 7.03 7.40
CA TRP A 2 -7.07 6.83 5.99
C TRP A 2 -5.60 7.12 5.73
N VAL A 3 -5.03 8.04 6.51
CA VAL A 3 -3.64 8.40 6.37
C VAL A 3 -2.72 7.21 6.65
N ALA A 4 -3.22 6.27 7.46
CA ALA A 4 -2.45 5.08 7.80
C ALA A 4 -2.49 4.05 6.67
N CYS A 5 -3.65 3.93 6.04
CA CYS A 5 -3.83 2.98 4.94
C CYS A 5 -3.01 3.41 3.73
N VAL A 6 -3.08 4.69 3.39
CA VAL A 6 -2.35 5.22 2.26
C VAL A 6 -0.85 4.99 2.41
N GLY A 7 -0.38 5.04 3.65
CA GLY A 7 1.04 4.83 3.90
C GLY A 7 1.40 3.36 4.00
N ALA A 8 0.46 2.55 4.50
CA ALA A 8 0.69 1.12 4.64
C ALA A 8 0.74 0.43 3.28
N CYS A 9 -0.05 0.93 2.35
CA CYS A 9 -0.09 0.36 1.01
C CYS A 9 1.31 0.25 0.41
N GLY A 10 2.12 1.28 0.65
CA GLY A 10 3.49 1.27 0.14
C GLY A 10 4.39 0.30 0.87
N THR A 11 4.08 0.06 2.14
CA THR A 11 4.87 -0.86 2.96
C THR A 11 4.95 -2.24 2.30
N VAL A 12 3.86 -2.64 1.66
CA VAL A 12 3.80 -3.94 1.00
C VAL A 12 4.60 -3.94 -0.29
N CYS A 13 4.54 -2.83 -1.01
CA CYS A 13 5.27 -2.69 -2.28
C CYS A 13 6.76 -2.94 -2.08
N LEU A 14 7.24 -2.68 -0.87
CA LEU A 14 8.65 -2.89 -0.55
C LEU A 14 9.03 -4.36 -0.65
N ALA A 15 8.11 -5.23 -0.21
CA ALA A 15 8.34 -6.66 -0.25
C ALA A 15 8.66 -7.13 -1.66
N SER A 16 8.12 -6.43 -2.65
CA SER A 16 8.34 -6.77 -4.05
C SER A 16 9.39 -5.86 -4.67
N GLY A 17 9.63 -4.72 -4.02
CA GLY A 17 10.61 -3.78 -4.53
C GLY A 17 9.97 -2.51 -5.06
N GLY A 18 8.68 -2.58 -5.36
CA GLY A 18 7.97 -1.42 -5.87
C GLY A 18 7.44 -1.64 -7.27
N VAL A 19 7.25 -2.90 -7.64
CA VAL A 19 6.75 -3.24 -8.97
C VAL A 19 5.33 -2.72 -9.17
N GLY A 20 4.49 -2.87 -8.15
CA GLY A 20 3.12 -2.41 -8.23
C GLY A 20 2.68 -1.67 -6.98
N THR A 21 3.44 -0.65 -6.60
CA THR A 21 3.12 0.14 -5.41
C THR A 21 1.67 0.59 -5.43
N GLU A 22 1.25 1.20 -6.53
CA GLU A 22 -0.11 1.68 -6.66
C GLU A 22 -1.11 0.53 -6.58
N PHE A 23 -0.66 -0.66 -6.97
CA PHE A 23 -1.51 -1.85 -6.93
C PHE A 23 -1.70 -2.34 -5.50
N ALA A 24 -0.63 -2.33 -4.73
CA ALA A 24 -0.67 -2.77 -3.34
C ALA A 24 -1.66 -1.92 -2.53
N ALA A 25 -1.88 -0.69 -2.98
CA ALA A 25 -2.80 0.21 -2.31
C ALA A 25 -4.25 -0.17 -2.57
N ALA A 26 -4.66 -1.32 -2.08
CA ALA A 26 -6.02 -1.80 -2.27
C ALA A 26 -7.02 -0.86 -1.62
N SER A 27 -7.13 -0.94 -0.29
CA SER A 27 -8.06 -0.10 0.46
C SER A 27 -8.01 -0.43 1.95
N DTY A 28 -7.14 0.28 2.67
CA DTY A 28 -7.00 0.06 4.10
C DTY A 28 -8.34 0.21 4.82
O DTY A 28 -8.58 -0.41 5.85
CB DTY A 28 -6.41 -1.32 4.38
CG DTY A 28 -5.19 -1.63 3.54
CD1 DTY A 28 -3.93 -1.15 3.90
CD2 DTY A 28 -5.29 -2.42 2.41
CE1 DTY A 28 -2.81 -1.44 3.14
CE2 DTY A 28 -4.18 -2.72 1.63
CZ DTY A 28 -2.94 -2.22 2.01
OH DTY A 28 -1.83 -2.51 1.25
H DTY A 28 -6.59 0.96 2.23
HB2 DTY A 28 -7.15 -2.07 4.17
HB3 DTY A 28 -6.13 -1.38 5.43
HD1 DTY A 28 -3.84 -0.54 4.79
HD2 DTY A 28 -6.25 -2.81 2.11
HE1 DTY A 28 -1.85 -1.06 3.43
HE2 DTY A 28 -4.28 -3.32 0.76
HH DTY A 28 -2.01 -3.29 0.71
N PHE A 29 -9.21 1.05 4.26
CA PHE A 29 -10.53 1.27 4.83
C PHE A 29 -11.47 0.11 4.53
N LEU A 30 -11.23 -0.56 3.40
CA LEU A 30 -12.05 -1.69 3.01
C LEU A 30 -11.52 -2.99 3.60
N GLY A 1 -7.36 6.78 8.14
CA GLY A 1 -7.13 7.79 7.13
C GLY A 1 -6.34 7.27 5.94
N TRP A 2 -6.03 8.16 5.00
CA TRP A 2 -5.27 7.77 3.82
C TRP A 2 -3.85 7.35 4.19
N VAL A 3 -3.18 8.18 4.99
CA VAL A 3 -1.83 7.90 5.42
C VAL A 3 -1.75 6.60 6.21
N ALA A 4 -2.84 6.28 6.91
CA ALA A 4 -2.91 5.06 7.71
C ALA A 4 -3.06 3.82 6.82
N CYS A 5 -3.89 3.94 5.80
CA CYS A 5 -4.13 2.84 4.88
C CYS A 5 -2.86 2.52 4.07
N VAL A 6 -2.05 3.55 3.83
CA VAL A 6 -0.81 3.38 3.08
C VAL A 6 0.14 2.42 3.79
N GLY A 7 0.18 2.51 5.12
CA GLY A 7 1.05 1.64 5.89
C GLY A 7 0.48 0.25 6.06
N ALA A 8 -0.83 0.17 6.29
CA ALA A 8 -1.50 -1.11 6.47
C ALA A 8 -1.50 -1.92 5.18
N CYS A 9 -1.31 -1.24 4.06
CA CYS A 9 -1.27 -1.89 2.75
C CYS A 9 -0.30 -3.07 2.75
N GLY A 10 1.00 -2.75 2.72
CA GLY A 10 2.02 -3.79 2.72
C GLY A 10 3.40 -3.24 2.44
N THR A 11 4.29 -3.38 3.41
CA THR A 11 5.66 -2.90 3.27
C THR A 11 6.36 -3.57 2.11
N VAL A 12 5.82 -4.70 1.66
CA VAL A 12 6.39 -5.45 0.55
C VAL A 12 6.17 -4.71 -0.77
N CYS A 13 5.21 -3.80 -0.78
CA CYS A 13 4.89 -3.03 -1.98
C CYS A 13 6.14 -2.32 -2.51
N LEU A 14 6.66 -1.39 -1.72
CA LEU A 14 7.84 -0.63 -2.10
C LEU A 14 9.06 -1.55 -2.23
N ALA A 15 9.18 -2.49 -1.31
CA ALA A 15 10.29 -3.43 -1.34
C ALA A 15 10.34 -4.20 -2.64
N SER A 16 9.16 -4.50 -3.19
CA SER A 16 9.06 -5.24 -4.44
C SER A 16 8.79 -4.29 -5.61
N GLY A 17 9.12 -3.03 -5.42
CA GLY A 17 8.90 -2.03 -6.47
C GLY A 17 7.64 -1.23 -6.26
N GLY A 18 7.76 0.09 -6.27
CA GLY A 18 6.60 0.94 -6.07
C GLY A 18 5.52 0.69 -7.10
N VAL A 19 5.89 0.09 -8.22
CA VAL A 19 4.94 -0.21 -9.28
C VAL A 19 3.86 -1.18 -8.82
N GLY A 20 4.25 -2.10 -7.93
CA GLY A 20 3.31 -3.07 -7.41
C GLY A 20 2.52 -2.54 -6.23
N THR A 21 2.78 -1.29 -5.86
CA THR A 21 2.09 -0.66 -4.74
C THR A 21 0.58 -0.78 -4.89
N GLU A 22 0.11 -0.85 -6.14
CA GLU A 22 -1.31 -0.96 -6.41
C GLU A 22 -1.90 -2.23 -5.79
N PHE A 23 -1.04 -3.24 -5.63
CA PHE A 23 -1.47 -4.51 -5.05
C PHE A 23 -1.59 -4.39 -3.53
N ALA A 24 -0.47 -4.10 -2.88
CA ALA A 24 -0.45 -3.96 -1.43
C ALA A 24 -1.33 -2.82 -0.97
N ALA A 25 -1.00 -1.61 -1.43
CA ALA A 25 -1.77 -0.42 -1.07
C ALA A 25 -3.08 -0.36 -1.85
N ALA A 26 -3.92 -1.37 -1.68
CA ALA A 26 -5.21 -1.42 -2.36
C ALA A 26 -6.08 -0.23 -1.98
N SER A 27 -6.58 -0.26 -0.74
CA SER A 27 -7.44 0.82 -0.25
C SER A 27 -7.91 0.53 1.17
N DTY A 28 -7.29 1.20 2.14
CA DTY A 28 -7.65 1.01 3.54
C DTY A 28 -9.11 1.39 3.79
O DTY A 28 -9.70 0.99 4.79
CB DTY A 28 -7.40 -0.43 3.96
CG DTY A 28 -7.31 -0.62 5.47
CD1 DTY A 28 -6.16 -0.26 6.15
CD2 DTY A 28 -8.36 -1.15 6.19
CE1 DTY A 28 -6.06 -0.42 7.52
CE2 DTY A 28 -8.28 -1.33 7.56
CZ DTY A 28 -7.12 -0.96 8.22
OH DTY A 28 -7.03 -1.13 9.58
H DTY A 28 -6.58 1.83 1.90
HB2 DTY A 28 -6.49 -0.79 3.53
HB3 DTY A 28 -8.22 -1.05 3.61
HD1 DTY A 28 -5.33 0.16 5.60
HD2 DTY A 28 -9.27 -1.44 5.67
HE1 DTY A 28 -5.16 -0.14 8.04
HE2 DTY A 28 -9.10 -1.75 8.10
HH DTY A 28 -6.55 -0.39 9.96
N PHE A 29 -9.67 2.18 2.88
CA PHE A 29 -11.06 2.61 3.00
C PHE A 29 -12.01 1.49 2.60
N LEU A 30 -11.69 0.81 1.50
CA LEU A 30 -12.53 -0.29 1.02
C LEU A 30 -12.17 -1.60 1.72
N GLY A 1 -6.79 6.97 10.52
CA GLY A 1 -6.47 8.01 9.56
C GLY A 1 -6.25 7.45 8.17
N TRP A 2 -6.49 8.28 7.15
CA TRP A 2 -6.33 7.86 5.76
C TRP A 2 -4.85 7.75 5.41
N VAL A 3 -4.04 8.63 5.99
CA VAL A 3 -2.60 8.63 5.73
C VAL A 3 -1.96 7.31 6.17
N ALA A 4 -2.61 6.63 7.11
CA ALA A 4 -2.11 5.35 7.60
C ALA A 4 -2.31 4.25 6.58
N CYS A 5 -3.31 4.42 5.71
CA CYS A 5 -3.61 3.44 4.68
C CYS A 5 -2.46 3.32 3.68
N VAL A 6 -1.68 4.40 3.56
CA VAL A 6 -0.55 4.43 2.65
C VAL A 6 0.44 3.32 2.97
N GLY A 7 1.00 3.35 4.17
CA GLY A 7 1.96 2.33 4.58
C GLY A 7 1.29 1.03 4.99
N ALA A 8 0.06 1.14 5.49
CA ALA A 8 -0.69 -0.03 5.92
C ALA A 8 -1.10 -0.89 4.73
N CYS A 9 -0.97 -0.34 3.54
CA CYS A 9 -1.33 -1.05 2.31
C CYS A 9 -0.67 -2.43 2.27
N GLY A 10 0.63 -2.44 1.99
CA GLY A 10 1.36 -3.69 1.93
C GLY A 10 2.86 -3.49 1.91
N THR A 11 3.56 -4.19 2.81
CA THR A 11 5.01 -4.08 2.90
C THR A 11 5.68 -4.51 1.60
N VAL A 12 4.93 -5.22 0.77
CA VAL A 12 5.45 -5.68 -0.52
C VAL A 12 5.62 -4.54 -1.50
N CYS A 13 4.98 -3.42 -1.20
CA CYS A 13 5.06 -2.23 -2.05
C CYS A 13 6.51 -1.83 -2.28
N LEU A 14 7.21 -1.50 -1.20
CA LEU A 14 8.60 -1.10 -1.27
C LEU A 14 9.49 -2.25 -1.72
N ALA A 15 9.26 -3.43 -1.14
CA ALA A 15 10.04 -4.61 -1.49
C ALA A 15 9.93 -4.91 -2.99
N SER A 16 8.84 -4.46 -3.60
CA SER A 16 8.62 -4.69 -5.02
C SER A 16 9.11 -3.50 -5.85
N GLY A 17 9.29 -2.36 -5.18
CA GLY A 17 9.76 -1.18 -5.87
C GLY A 17 8.67 -0.12 -6.00
N GLY A 18 7.44 -0.57 -6.21
CA GLY A 18 6.34 0.36 -6.35
C GLY A 18 5.19 -0.21 -7.18
N VAL A 19 5.50 -1.25 -7.95
CA VAL A 19 4.50 -1.88 -8.79
C VAL A 19 3.38 -2.50 -7.95
N GLY A 20 3.70 -2.83 -6.70
CA GLY A 20 2.73 -3.43 -5.82
C GLY A 20 2.09 -2.40 -4.89
N THR A 21 2.74 -1.25 -4.75
CA THR A 21 2.23 -0.19 -3.88
C THR A 21 0.76 0.10 -4.17
N GLU A 22 0.47 0.46 -5.42
CA GLU A 22 -0.89 0.77 -5.83
C GLU A 22 -1.80 -0.45 -5.66
N PHE A 23 -1.20 -1.63 -5.69
CA PHE A 23 -1.95 -2.87 -5.54
C PHE A 23 -2.40 -3.07 -4.09
N ALA A 24 -1.43 -3.17 -3.18
CA ALA A 24 -1.72 -3.36 -1.77
C ALA A 24 -2.48 -2.16 -1.21
N ALA A 25 -2.30 -1.00 -1.83
CA ALA A 25 -2.99 0.21 -1.39
C ALA A 25 -4.49 0.05 -1.45
N ALA A 26 -4.96 -0.91 -2.24
CA ALA A 26 -6.39 -1.18 -2.37
C ALA A 26 -7.00 -1.53 -1.03
N SER A 27 -6.21 -2.14 -0.15
CA SER A 27 -6.69 -2.54 1.17
C SER A 27 -7.33 -1.36 1.88
N DTY A 28 -6.50 -0.39 2.26
CA DTY A 28 -6.99 0.80 2.96
C DTY A 28 -8.03 1.54 2.13
O DTY A 28 -8.84 2.30 2.66
CB DTY A 28 -7.59 0.42 4.31
CG DTY A 28 -6.60 -0.25 5.25
CD1 DTY A 28 -5.95 0.48 6.23
CD2 DTY A 28 -6.32 -1.61 5.15
CE1 DTY A 28 -5.05 -0.12 7.09
CE2 DTY A 28 -5.43 -2.22 6.00
CZ DTY A 28 -4.79 -1.47 6.97
OH DTY A 28 -3.90 -2.08 7.82
H DTY A 28 -5.55 -0.47 2.07
HB2 DTY A 28 -8.41 -0.28 4.15
HB3 DTY A 28 -7.97 1.30 4.80
HD1 DTY A 28 -6.15 1.53 6.32
HD2 DTY A 28 -6.82 -2.19 4.39
HE1 DTY A 28 -4.55 0.46 7.86
HE2 DTY A 28 -5.22 -3.28 5.91
HH DTY A 28 -4.02 -3.03 7.80
N PHE A 29 -7.98 1.31 0.82
CA PHE A 29 -8.93 1.96 -0.10
C PHE A 29 -10.30 1.29 -0.03
N LEU A 30 -10.32 0.02 0.37
CA LEU A 30 -11.56 -0.72 0.48
C LEU A 30 -12.25 -0.83 -0.87
N GLY A 1 -6.37 7.41 10.75
CA GLY A 1 -5.86 8.30 9.73
C GLY A 1 -5.80 7.64 8.37
N TRP A 2 -5.87 8.45 7.31
CA TRP A 2 -5.84 7.93 5.95
C TRP A 2 -4.42 7.51 5.58
N VAL A 3 -3.43 8.13 6.21
CA VAL A 3 -2.03 7.80 5.94
C VAL A 3 -1.72 6.37 6.33
N ALA A 4 -2.49 5.82 7.27
CA ALA A 4 -2.30 4.45 7.73
C ALA A 4 -2.78 3.45 6.69
N CYS A 5 -3.71 3.88 5.84
CA CYS A 5 -4.26 3.02 4.80
C CYS A 5 -3.18 2.65 3.78
N VAL A 6 -2.72 3.64 3.02
CA VAL A 6 -1.69 3.43 2.02
C VAL A 6 -0.39 2.94 2.65
N GLY A 7 -0.20 3.29 3.92
CA GLY A 7 1.01 2.88 4.63
C GLY A 7 1.25 1.38 4.53
N ALA A 8 0.18 0.60 4.52
CA ALA A 8 0.29 -0.84 4.43
C ALA A 8 0.78 -1.27 3.05
N CYS A 9 0.13 -0.77 2.01
CA CYS A 9 0.51 -1.09 0.64
C CYS A 9 2.00 -0.82 0.41
N GLY A 10 2.45 0.37 0.80
CA GLY A 10 3.84 0.73 0.62
C GLY A 10 4.78 -0.28 1.25
N THR A 11 4.41 -0.78 2.42
CA THR A 11 5.23 -1.76 3.13
C THR A 11 5.51 -2.98 2.26
N VAL A 12 4.47 -3.47 1.59
CA VAL A 12 4.61 -4.63 0.71
C VAL A 12 5.32 -4.27 -0.58
N CYS A 13 4.92 -3.15 -1.18
CA CYS A 13 5.52 -2.69 -2.43
C CYS A 13 7.03 -2.54 -2.28
N LEU A 14 7.46 -2.03 -1.14
CA LEU A 14 8.88 -1.84 -0.88
C LEU A 14 9.61 -3.18 -0.81
N ALA A 15 8.96 -4.16 -0.18
CA ALA A 15 9.56 -5.49 -0.05
C ALA A 15 9.91 -6.07 -1.42
N SER A 16 9.21 -5.62 -2.46
CA SER A 16 9.45 -6.09 -3.81
C SER A 16 10.29 -5.08 -4.60
N GLY A 17 10.33 -3.85 -4.11
CA GLY A 17 11.09 -2.81 -4.77
C GLY A 17 10.21 -1.70 -5.31
N GLY A 18 8.99 -2.05 -5.69
CA GLY A 18 8.07 -1.06 -6.21
C GLY A 18 7.51 -1.44 -7.57
N VAL A 19 7.33 -2.74 -7.79
CA VAL A 19 6.79 -3.24 -9.04
C VAL A 19 5.35 -2.80 -9.25
N GLY A 20 4.53 -2.99 -8.22
CA GLY A 20 3.13 -2.59 -8.32
C GLY A 20 2.63 -1.95 -7.04
N THR A 21 3.31 -0.90 -6.60
CA THR A 21 2.92 -0.20 -5.38
C THR A 21 1.44 0.14 -5.39
N GLU A 22 0.98 0.73 -6.49
CA GLU A 22 -0.42 1.12 -6.61
C GLU A 22 -1.33 -0.11 -6.56
N PHE A 23 -0.80 -1.24 -7.01
CA PHE A 23 -1.57 -2.49 -7.01
C PHE A 23 -1.70 -3.05 -5.60
N ALA A 24 -0.61 -2.98 -4.83
CA ALA A 24 -0.61 -3.48 -3.47
C ALA A 24 -1.60 -2.71 -2.60
N ALA A 25 -1.74 -1.41 -2.89
CA ALA A 25 -2.65 -0.56 -2.13
C ALA A 25 -4.11 -0.93 -2.42
N ALA A 26 -4.62 -1.93 -1.72
CA ALA A 26 -5.99 -2.38 -1.90
C ALA A 26 -6.98 -1.27 -1.54
N SER A 27 -7.19 -1.08 -0.24
CA SER A 27 -8.12 -0.06 0.24
C SER A 27 -8.23 -0.09 1.75
N DTY A 28 -7.58 0.88 2.41
CA DTY A 28 -7.61 0.96 3.86
C DTY A 28 -9.03 1.20 4.37
O DTY A 28 -9.34 0.95 5.54
CB DTY A 28 -7.04 -0.32 4.48
CG DTY A 28 -6.06 -0.06 5.60
CD1 DTY A 28 -6.44 0.61 6.76
CD2 DTY A 28 -4.74 -0.49 5.50
CE1 DTY A 28 -5.55 0.84 7.78
CE2 DTY A 28 -3.83 -0.26 6.52
CZ DTY A 28 -4.24 0.41 7.66
OH DTY A 28 -3.35 0.63 8.67
H DTY A 28 -7.08 1.55 1.90
HB2 DTY A 28 -6.53 -0.88 3.71
HB3 DTY A 28 -7.86 -0.91 4.88
HD1 DTY A 28 -7.47 0.94 6.85
HD2 DTY A 28 -4.42 -1.01 4.61
HE1 DTY A 28 -5.87 1.35 8.67
HE2 DTY A 28 -2.82 -0.60 6.42
HH DTY A 28 -3.08 1.56 8.66
N PHE A 29 -9.90 1.68 3.49
CA PHE A 29 -11.29 1.94 3.84
C PHE A 29 -12.11 0.66 3.83
N LEU A 30 -12.11 -0.03 2.70
CA LEU A 30 -12.86 -1.28 2.57
C LEU A 30 -12.01 -2.47 3.01
N GLY A 1 -8.70 3.22 10.29
CA GLY A 1 -7.59 4.15 10.19
C GLY A 1 -7.26 4.51 8.75
N TRP A 2 -7.73 5.66 8.31
CA TRP A 2 -7.48 6.12 6.94
C TRP A 2 -5.99 6.34 6.71
N VAL A 3 -5.40 7.21 7.50
CA VAL A 3 -3.98 7.52 7.38
C VAL A 3 -3.13 6.27 7.63
N ALA A 4 -3.68 5.33 8.39
CA ALA A 4 -2.98 4.10 8.70
C ALA A 4 -3.03 3.12 7.53
N CYS A 5 -4.18 3.06 6.87
CA CYS A 5 -4.37 2.17 5.73
C CYS A 5 -3.52 2.61 4.55
N VAL A 6 -3.51 3.90 4.28
CA VAL A 6 -2.74 4.45 3.17
C VAL A 6 -1.26 4.14 3.34
N GLY A 7 -0.83 3.96 4.58
CA GLY A 7 0.56 3.66 4.85
C GLY A 7 1.03 2.41 4.15
N ALA A 8 0.09 1.56 3.76
CA ALA A 8 0.41 0.31 3.06
C ALA A 8 0.99 0.60 1.68
N CYS A 9 0.86 1.84 1.23
CA CYS A 9 1.38 2.23 -0.07
C CYS A 9 2.84 2.65 0.03
N GLY A 10 3.42 2.48 1.20
CA GLY A 10 4.81 2.85 1.41
C GLY A 10 5.72 1.64 1.45
N THR A 11 6.44 1.47 2.56
CA THR A 11 7.35 0.35 2.73
C THR A 11 6.63 -0.98 2.55
N VAL A 12 5.34 -0.99 2.82
CA VAL A 12 4.53 -2.19 2.70
C VAL A 12 4.31 -2.56 1.23
N CYS A 13 4.08 -1.54 0.42
CA CYS A 13 3.84 -1.74 -1.01
C CYS A 13 5.01 -2.49 -1.66
N LEU A 14 6.22 -1.98 -1.42
CA LEU A 14 7.43 -2.59 -1.97
C LEU A 14 7.62 -4.00 -1.41
N ALA A 15 7.51 -4.13 -0.10
CA ALA A 15 7.67 -5.42 0.56
C ALA A 15 6.69 -6.44 0.00
N SER A 16 5.58 -5.97 -0.55
CA SER A 16 4.56 -6.85 -1.11
C SER A 16 4.71 -6.95 -2.62
N GLY A 17 5.92 -6.66 -3.11
CA GLY A 17 6.17 -6.71 -4.54
C GLY A 17 6.14 -5.35 -5.19
N GLY A 18 7.20 -5.03 -5.94
CA GLY A 18 7.28 -3.74 -6.60
C GLY A 18 6.06 -3.46 -7.45
N VAL A 19 5.57 -4.48 -8.15
CA VAL A 19 4.40 -4.33 -9.01
C VAL A 19 3.17 -3.96 -8.19
N GLY A 20 3.19 -4.31 -6.91
CA GLY A 20 2.06 -4.00 -6.04
C GLY A 20 2.05 -2.55 -5.61
N THR A 21 3.13 -1.83 -5.91
CA THR A 21 3.24 -0.43 -5.54
C THR A 21 1.99 0.35 -5.95
N GLU A 22 1.71 0.37 -7.25
CA GLU A 22 0.55 1.07 -7.76
C GLU A 22 -0.73 0.54 -7.14
N PHE A 23 -0.69 -0.71 -6.69
CA PHE A 23 -1.86 -1.34 -6.07
C PHE A 23 -2.09 -0.78 -4.67
N ALA A 24 -1.12 -0.97 -3.79
CA ALA A 24 -1.23 -0.47 -2.42
C ALA A 24 -1.34 1.05 -2.39
N ALA A 25 -0.86 1.70 -3.44
CA ALA A 25 -0.90 3.15 -3.53
C ALA A 25 -2.31 3.67 -3.27
N ALA A 26 -3.31 2.86 -3.60
CA ALA A 26 -4.70 3.24 -3.41
C ALA A 26 -4.99 3.52 -1.93
N SER A 27 -5.10 2.46 -1.15
CA SER A 27 -5.38 2.58 0.27
C SER A 27 -5.50 1.22 0.94
N DTY A 28 -5.60 1.21 2.26
CA DTY A 28 -5.73 -0.04 3.02
C DTY A 28 -6.99 -0.80 2.61
O DTY A 28 -7.10 -1.99 2.83
CB DTY A 28 -4.50 -0.91 2.80
CG DTY A 28 -4.31 -1.97 3.86
CD1 DTY A 28 -3.81 -1.64 5.11
CD2 DTY A 28 -4.63 -3.30 3.61
CE1 DTY A 28 -3.64 -2.61 6.09
CE2 DTY A 28 -4.47 -4.27 4.58
CZ DTY A 28 -3.97 -3.92 5.81
OH DTY A 28 -3.80 -4.88 6.78
H DTY A 28 -5.59 2.06 2.74
HB2 DTY A 28 -3.62 -0.29 2.79
HB3 DTY A 28 -4.58 -1.41 1.84
HD1 DTY A 28 -3.55 -0.62 5.32
HD2 DTY A 28 -5.02 -3.57 2.63
HE1 DTY A 28 -3.25 -2.33 7.06
HE2 DTY A 28 -4.72 -5.30 4.37
HH DTY A 28 -4.34 -4.66 7.55
N PHE A 29 -7.93 -0.08 1.99
CA PHE A 29 -9.18 -0.69 1.56
C PHE A 29 -9.00 -1.40 0.22
N LEU A 30 -8.30 -0.75 -0.70
CA LEU A 30 -8.05 -1.32 -2.02
C LEU A 30 -6.86 -2.27 -1.99
N GLY A 1 -6.51 9.05 7.11
CA GLY A 1 -6.62 7.60 7.05
C GLY A 1 -5.84 7.02 5.88
N TRP A 2 -5.71 7.79 4.81
CA TRP A 2 -4.99 7.33 3.62
C TRP A 2 -3.58 6.90 3.97
N VAL A 3 -2.90 7.73 4.76
CA VAL A 3 -1.53 7.43 5.18
C VAL A 3 -1.46 6.13 5.98
N ALA A 4 -2.55 5.82 6.66
CA ALA A 4 -2.62 4.60 7.47
C ALA A 4 -2.86 3.38 6.60
N CYS A 5 -3.68 3.55 5.55
CA CYS A 5 -3.99 2.45 4.64
C CYS A 5 -2.76 2.04 3.85
N VAL A 6 -2.05 3.03 3.31
CA VAL A 6 -0.85 2.77 2.52
C VAL A 6 0.19 2.02 3.34
N GLY A 7 0.17 2.23 4.66
CA GLY A 7 1.11 1.56 5.53
C GLY A 7 0.73 0.12 5.80
N ALA A 8 -0.48 -0.09 6.31
CA ALA A 8 -0.96 -1.42 6.62
C ALA A 8 -1.23 -2.23 5.35
N CYS A 9 -1.21 -1.53 4.21
CA CYS A 9 -1.45 -2.18 2.92
C CYS A 9 -0.54 -3.39 2.75
N GLY A 10 0.75 -3.13 2.54
CA GLY A 10 1.70 -4.21 2.36
C GLY A 10 3.13 -3.72 2.22
N THR A 11 4.03 -4.31 3.00
CA THR A 11 5.44 -3.92 2.96
C THR A 11 6.04 -4.17 1.57
N VAL A 12 5.34 -4.96 0.77
CA VAL A 12 5.81 -5.27 -0.58
C VAL A 12 5.72 -4.05 -1.49
N CYS A 13 4.79 -3.15 -1.17
CA CYS A 13 4.59 -1.94 -1.95
C CYS A 13 5.90 -1.17 -2.11
N LEU A 14 6.54 -0.86 -0.98
CA LEU A 14 7.79 -0.13 -0.99
C LEU A 14 8.91 -0.97 -1.61
N ALA A 15 8.95 -2.25 -1.27
CA ALA A 15 9.96 -3.15 -1.80
C ALA A 15 9.92 -3.19 -3.33
N SER A 16 8.77 -2.83 -3.89
CA SER A 16 8.60 -2.83 -5.34
C SER A 16 8.88 -1.44 -5.91
N GLY A 17 8.86 -0.43 -5.05
CA GLY A 17 9.11 0.93 -5.49
C GLY A 17 7.84 1.69 -5.79
N GLY A 18 6.92 1.04 -6.50
CA GLY A 18 5.66 1.69 -6.84
C GLY A 18 4.72 0.75 -7.57
N VAL A 19 5.27 -0.16 -8.37
CA VAL A 19 4.46 -1.11 -9.12
C VAL A 19 3.69 -2.02 -8.17
N GLY A 20 4.18 -2.17 -6.96
CA GLY A 20 3.51 -3.01 -5.97
C GLY A 20 2.51 -2.25 -5.14
N THR A 21 2.62 -0.92 -5.15
CA THR A 21 1.72 -0.07 -4.38
C THR A 21 0.26 -0.44 -4.64
N GLU A 22 -0.10 -0.51 -5.91
CA GLU A 22 -1.47 -0.85 -6.30
C GLU A 22 -1.85 -2.24 -5.79
N PHE A 23 -0.84 -3.09 -5.61
CA PHE A 23 -1.08 -4.45 -5.12
C PHE A 23 -1.30 -4.45 -3.61
N ALA A 24 -0.28 -4.03 -2.86
CA ALA A 24 -0.37 -3.99 -1.40
C ALA A 24 -1.45 -3.00 -0.95
N ALA A 25 -1.28 -1.74 -1.32
CA ALA A 25 -2.23 -0.70 -0.96
C ALA A 25 -3.49 -0.79 -1.79
N ALA A 26 -4.26 -1.87 -1.59
CA ALA A 26 -5.49 -2.08 -2.34
C ALA A 26 -6.50 -0.98 -2.04
N SER A 27 -6.92 -0.89 -0.77
CA SER A 27 -7.88 0.12 -0.35
C SER A 27 -8.22 -0.03 1.13
N DTY A 28 -7.47 0.67 1.96
CA DTY A 28 -7.68 0.62 3.41
C DTY A 28 -9.08 1.11 3.77
O DTY A 28 -9.59 0.83 4.85
CB DTY A 28 -7.48 -0.80 3.93
CG DTY A 28 -7.22 -0.87 5.42
CD1 DTY A 28 -5.97 -0.53 5.94
CD2 DTY A 28 -8.21 -1.27 6.30
CE1 DTY A 28 -5.73 -0.60 7.30
CE2 DTY A 28 -7.98 -1.34 7.65
CZ DTY A 28 -6.74 -1.00 8.15
OH DTY A 28 -6.50 -1.06 9.50
H DTY A 28 -6.75 1.25 1.61
HB2 DTY A 28 -6.63 -1.24 3.42
HB3 DTY A 28 -8.36 -1.38 3.72
HD1 DTY A 28 -5.18 -0.22 5.27
HD2 DTY A 28 -9.18 -1.53 5.90
HE1 DTY A 28 -4.76 -0.34 7.69
HE2 DTY A 28 -8.76 -1.65 8.33
HH DTY A 28 -6.59 -1.97 9.80
N PHE A 29 -9.70 1.85 2.85
CA PHE A 29 -11.04 2.38 3.08
C PHE A 29 -12.10 1.31 2.78
N LEU A 30 -11.99 0.69 1.62
CA LEU A 30 -12.94 -0.34 1.21
C LEU A 30 -12.54 -1.70 1.79
N GLY A 1 -6.85 8.85 6.59
CA GLY A 1 -6.00 7.73 6.96
C GLY A 1 -5.25 7.15 5.76
N TRP A 2 -4.65 8.02 4.98
CA TRP A 2 -3.89 7.59 3.79
C TRP A 2 -2.57 6.96 4.20
N VAL A 3 -1.77 7.70 4.96
CA VAL A 3 -0.48 7.21 5.42
C VAL A 3 -0.63 5.96 6.28
N ALA A 4 -1.79 5.83 6.92
CA ALA A 4 -2.07 4.68 7.77
C ALA A 4 -2.44 3.46 6.95
N CYS A 5 -2.93 3.69 5.74
CA CYS A 5 -3.33 2.61 4.85
C CYS A 5 -2.12 1.76 4.46
N VAL A 6 -1.09 2.42 3.91
CA VAL A 6 0.12 1.74 3.50
C VAL A 6 0.79 1.02 4.67
N GLY A 7 0.55 1.52 5.87
CA GLY A 7 1.13 0.92 7.05
C GLY A 7 0.65 -0.50 7.28
N ALA A 8 -0.66 -0.65 7.47
CA ALA A 8 -1.24 -1.97 7.70
C ALA A 8 -1.21 -2.81 6.43
N CYS A 9 -1.35 -2.15 5.28
CA CYS A 9 -1.33 -2.84 4.00
C CYS A 9 -0.10 -3.73 3.87
N GLY A 10 1.07 -3.12 4.01
CA GLY A 10 2.31 -3.88 3.91
C GLY A 10 3.45 -3.06 3.32
N THR A 11 4.62 -3.14 3.94
CA THR A 11 5.79 -2.40 3.48
C THR A 11 6.18 -2.83 2.07
N VAL A 12 5.65 -3.97 1.63
CA VAL A 12 5.96 -4.49 0.30
C VAL A 12 5.34 -3.62 -0.79
N CYS A 13 4.30 -2.87 -0.42
CA CYS A 13 3.62 -1.99 -1.37
C CYS A 13 4.61 -1.03 -2.02
N LEU A 14 5.35 -0.29 -1.19
CA LEU A 14 6.32 0.67 -1.69
C LEU A 14 7.48 -0.05 -2.39
N ALA A 15 7.74 -1.28 -1.98
CA ALA A 15 8.81 -2.08 -2.56
C ALA A 15 8.62 -2.23 -4.07
N SER A 16 7.38 -2.10 -4.52
CA SER A 16 7.05 -2.22 -5.94
C SER A 16 7.02 -0.85 -6.61
N GLY A 17 7.70 0.12 -5.99
CA GLY A 17 7.73 1.46 -6.55
C GLY A 17 6.35 2.08 -6.66
N GLY A 18 5.41 1.54 -5.90
CA GLY A 18 4.05 2.06 -5.93
C GLY A 18 3.10 1.17 -6.72
N VAL A 19 3.66 0.40 -7.65
CA VAL A 19 2.86 -0.50 -8.48
C VAL A 19 2.17 -1.56 -7.63
N GLY A 20 2.75 -1.86 -6.48
CA GLY A 20 2.17 -2.85 -5.59
C GLY A 20 1.23 -2.25 -4.57
N THR A 21 1.22 -0.92 -4.50
CA THR A 21 0.35 -0.22 -3.56
C THR A 21 -1.08 -0.72 -3.65
N GLU A 22 -1.58 -0.86 -4.87
CA GLU A 22 -2.93 -1.33 -5.10
C GLU A 22 -3.11 -2.76 -4.57
N PHE A 23 -2.04 -3.54 -4.61
CA PHE A 23 -2.08 -4.92 -4.15
C PHE A 23 -1.99 -4.98 -2.62
N ALA A 24 -0.88 -4.50 -2.08
CA ALA A 24 -0.66 -4.50 -0.64
C ALA A 24 -1.68 -3.60 0.06
N ALA A 25 -1.65 -2.31 -0.27
CA ALA A 25 -2.57 -1.35 0.31
C ALA A 25 -3.92 -1.35 -0.40
N ALA A 26 -4.50 -2.54 -0.56
CA ALA A 26 -5.79 -2.69 -1.22
C ALA A 26 -6.89 -1.98 -0.44
N SER A 27 -7.22 -2.52 0.73
CA SER A 27 -8.27 -1.95 1.57
C SER A 27 -8.01 -0.46 1.81
N DTY A 28 -6.79 -0.13 2.20
CA DTY A 28 -6.41 1.25 2.47
C DTY A 28 -6.78 2.15 1.30
O DTY A 28 -7.08 3.33 1.48
CB DTY A 28 -7.08 1.75 3.75
CG DTY A 28 -7.03 0.75 4.89
CD1 DTY A 28 -5.85 0.12 5.24
CD2 DTY A 28 -8.19 0.44 5.61
CE1 DTY A 28 -5.81 -0.79 6.27
CE2 DTY A 28 -8.15 -0.47 6.65
CZ DTY A 28 -6.95 -1.08 6.97
OH DTY A 28 -6.92 -1.99 8.00
H DTY A 28 -6.11 -0.84 2.32
HB2 DTY A 28 -8.12 1.97 3.54
HB3 DTY A 28 -6.58 2.65 4.08
HD1 DTY A 28 -4.95 0.35 4.69
HD2 DTY A 28 -9.12 0.93 5.35
HE1 DTY A 28 -4.87 -1.26 6.53
HE2 DTY A 28 -9.05 -0.70 7.19
HH DTY A 28 -7.80 -2.29 8.21
N PHE A 29 -6.78 1.59 0.10
CA PHE A 29 -7.12 2.33 -1.10
C PHE A 29 -8.63 2.52 -1.22
N LEU A 30 -9.38 1.49 -0.85
CA LEU A 30 -10.84 1.53 -0.92
C LEU A 30 -11.42 2.09 0.38
N GLY A 1 -7.31 6.97 11.12
CA GLY A 1 -8.32 6.35 10.27
C GLY A 1 -8.02 6.54 8.79
N TRP A 2 -8.14 7.77 8.32
CA TRP A 2 -7.89 8.08 6.91
C TRP A 2 -6.39 8.06 6.60
N VAL A 3 -5.65 8.92 7.29
CA VAL A 3 -4.21 9.00 7.09
C VAL A 3 -3.53 7.69 7.49
N ALA A 4 -4.17 6.93 8.37
CA ALA A 4 -3.63 5.65 8.82
C ALA A 4 -3.83 4.57 7.76
N CYS A 5 -4.87 4.73 6.94
CA CYS A 5 -5.17 3.76 5.90
C CYS A 5 -4.05 3.73 4.86
N VAL A 6 -3.70 4.90 4.34
CA VAL A 6 -2.65 5.01 3.34
C VAL A 6 -1.31 4.52 3.89
N GLY A 7 -1.12 4.70 5.19
CA GLY A 7 0.12 4.27 5.82
C GLY A 7 0.16 2.78 6.07
N ALA A 8 -1.00 2.19 6.31
CA ALA A 8 -1.10 0.76 6.56
C ALA A 8 -0.74 -0.05 5.31
N CYS A 9 -0.86 0.59 4.16
CA CYS A 9 -0.55 -0.07 2.89
C CYS A 9 0.84 -0.70 2.93
N GLY A 10 1.87 0.14 3.03
CA GLY A 10 3.23 -0.36 3.08
C GLY A 10 3.67 -0.99 1.77
N THR A 11 4.76 -0.48 1.21
CA THR A 11 5.28 -1.00 -0.05
C THR A 11 5.70 -2.45 0.09
N VAL A 12 4.76 -3.37 -0.11
CA VAL A 12 5.05 -4.79 -0.01
C VAL A 12 5.75 -5.31 -1.27
N CYS A 13 5.14 -5.07 -2.42
CA CYS A 13 5.70 -5.50 -3.69
C CYS A 13 7.13 -5.00 -3.86
N LEU A 14 7.41 -3.83 -3.27
CA LEU A 14 8.75 -3.25 -3.36
C LEU A 14 9.78 -4.13 -2.66
N ALA A 15 9.58 -4.36 -1.37
CA ALA A 15 10.48 -5.19 -0.59
C ALA A 15 10.64 -6.57 -1.21
N SER A 16 9.58 -7.04 -1.87
CA SER A 16 9.59 -8.34 -2.52
C SER A 16 9.81 -8.21 -4.02
N GLY A 17 10.34 -7.07 -4.43
CA GLY A 17 10.60 -6.83 -5.83
C GLY A 17 9.32 -6.74 -6.65
N GLY A 18 9.11 -5.60 -7.29
CA GLY A 18 7.91 -5.42 -8.10
C GLY A 18 7.67 -3.96 -8.44
N VAL A 19 7.76 -3.64 -9.73
CA VAL A 19 7.54 -2.27 -10.19
C VAL A 19 6.13 -1.80 -9.88
N GLY A 20 5.25 -2.74 -9.58
CA GLY A 20 3.87 -2.41 -9.26
C GLY A 20 3.65 -2.19 -7.78
N THR A 21 4.65 -1.65 -7.11
CA THR A 21 4.57 -1.39 -5.68
C THR A 21 3.33 -0.57 -5.34
N GLU A 22 2.87 0.21 -6.32
CA GLU A 22 1.69 1.04 -6.12
C GLU A 22 0.46 0.19 -5.80
N PHE A 23 0.55 -1.09 -6.09
CA PHE A 23 -0.55 -2.02 -5.84
C PHE A 23 -0.72 -2.27 -4.35
N ALA A 24 0.34 -2.02 -3.58
CA ALA A 24 0.31 -2.22 -2.14
C ALA A 24 -0.77 -1.35 -1.49
N ALA A 25 -0.72 -0.05 -1.77
CA ALA A 25 -1.69 0.89 -1.22
C ALA A 25 -3.03 0.79 -1.94
N ALA A 26 -3.65 -0.37 -1.88
CA ALA A 26 -4.94 -0.59 -2.54
C ALA A 26 -5.99 0.38 -2.01
N SER A 27 -6.42 0.17 -0.76
CA SER A 27 -7.42 1.02 -0.16
C SER A 27 -7.77 0.53 1.25
N DTY A 28 -7.39 1.30 2.25
CA DTY A 28 -7.65 0.96 3.64
C DTY A 28 -9.16 0.84 3.89
O DTY A 28 -9.59 0.22 4.86
CB DTY A 28 -6.97 -0.37 4.00
CG DTY A 28 -6.80 -0.58 5.48
CD1 DTY A 28 -7.63 -1.46 6.18
CD2 DTY A 28 -5.81 0.09 6.20
CE1 DTY A 28 -7.47 -1.65 7.53
CE2 DTY A 28 -5.66 -0.10 7.55
CZ DTY A 28 -6.48 -0.97 8.22
OH DTY A 28 -6.33 -1.17 9.57
H DTY A 28 -6.91 2.14 2.06
HB2 DTY A 28 -5.98 -0.38 3.54
HB3 DTY A 28 -7.55 -1.19 3.61
HD1 DTY A 28 -8.39 -1.99 5.64
HD2 DTY A 28 -5.16 0.78 5.67
HE1 DTY A 28 -8.13 -2.34 8.06
HE2 DTY A 28 -4.88 0.44 8.09
HH DTY A 28 -6.53 -2.08 9.79
N PHE A 29 -9.95 1.45 3.01
CA PHE A 29 -11.40 1.41 3.14
C PHE A 29 -11.95 0.06 2.69
N LEU A 30 -11.43 -0.45 1.58
CA LEU A 30 -11.87 -1.73 1.05
C LEU A 30 -11.11 -2.89 1.70
N GLY A 1 -6.39 8.02 7.32
CA GLY A 1 -6.65 8.32 5.93
C GLY A 1 -6.10 7.26 4.99
N TRP A 2 -5.93 7.62 3.73
CA TRP A 2 -5.40 6.70 2.73
C TRP A 2 -3.96 6.32 3.05
N VAL A 3 -3.25 7.23 3.72
CA VAL A 3 -1.86 6.99 4.09
C VAL A 3 -1.73 5.80 5.02
N ALA A 4 -2.79 5.53 5.78
CA ALA A 4 -2.79 4.41 6.71
C ALA A 4 -3.05 3.09 5.99
N CYS A 5 -3.97 3.12 5.03
CA CYS A 5 -4.30 1.93 4.26
C CYS A 5 -3.14 1.50 3.37
N VAL A 6 -2.54 2.47 2.70
CA VAL A 6 -1.41 2.20 1.81
C VAL A 6 -0.25 1.56 2.58
N GLY A 7 -0.18 1.83 3.88
CA GLY A 7 0.87 1.28 4.70
C GLY A 7 0.59 -0.15 5.13
N ALA A 8 -0.62 -0.36 5.66
CA ALA A 8 -1.01 -1.70 6.11
C ALA A 8 -1.21 -2.64 4.94
N CYS A 9 -1.40 -2.08 3.75
CA CYS A 9 -1.61 -2.86 2.55
C CYS A 9 -0.50 -3.90 2.39
N GLY A 10 0.71 -3.45 2.12
CA GLY A 10 1.83 -4.35 1.95
C GLY A 10 3.17 -3.64 2.03
N THR A 11 4.01 -4.08 2.96
CA THR A 11 5.33 -3.49 3.15
C THR A 11 6.18 -3.62 1.89
N VAL A 12 5.77 -4.52 1.00
CA VAL A 12 6.49 -4.74 -0.25
C VAL A 12 6.30 -3.57 -1.20
N CYS A 13 5.33 -2.72 -0.90
CA CYS A 13 5.04 -1.57 -1.74
C CYS A 13 6.28 -0.71 -1.93
N LEU A 14 6.85 -0.25 -0.82
CA LEU A 14 8.06 0.58 -0.87
C LEU A 14 9.25 -0.21 -1.39
N ALA A 15 9.41 -1.43 -0.89
CA ALA A 15 10.51 -2.30 -1.31
C ALA A 15 10.49 -2.52 -2.81
N SER A 16 9.31 -2.38 -3.40
CA SER A 16 9.15 -2.58 -4.85
C SER A 16 9.27 -1.25 -5.59
N GLY A 17 9.10 -0.15 -4.85
CA GLY A 17 9.19 1.16 -5.45
C GLY A 17 7.84 1.86 -5.52
N GLY A 18 6.79 1.09 -5.80
CA GLY A 18 5.45 1.65 -5.89
C GLY A 18 4.54 0.84 -6.78
N VAL A 19 5.13 0.01 -7.64
CA VAL A 19 4.36 -0.83 -8.55
C VAL A 19 3.49 -1.82 -7.79
N GLY A 20 3.92 -2.15 -6.57
CA GLY A 20 3.16 -3.08 -5.75
C GLY A 20 2.24 -2.39 -4.76
N THR A 21 2.52 -1.10 -4.51
CA THR A 21 1.72 -0.32 -3.58
C THR A 21 0.23 -0.46 -3.88
N GLU A 22 -0.16 -0.10 -5.10
CA GLU A 22 -1.56 -0.18 -5.51
C GLU A 22 -2.05 -1.63 -5.48
N PHE A 23 -1.11 -2.56 -5.58
CA PHE A 23 -1.44 -3.98 -5.57
C PHE A 23 -1.83 -4.43 -4.16
N ALA A 24 -0.90 -4.29 -3.23
CA ALA A 24 -1.14 -4.69 -1.85
C ALA A 24 -2.28 -3.89 -1.23
N ALA A 25 -2.45 -2.66 -1.71
CA ALA A 25 -3.51 -1.79 -1.22
C ALA A 25 -4.88 -2.28 -1.66
N ALA A 26 -5.42 -3.26 -0.95
CA ALA A 26 -6.73 -3.81 -1.27
C ALA A 26 -7.82 -2.75 -1.18
N SER A 27 -8.15 -2.35 0.05
CA SER A 27 -9.17 -1.35 0.27
C SER A 27 -9.38 -1.10 1.76
N DTY A 28 -8.50 -0.30 2.35
CA DTY A 28 -8.59 0.02 3.78
C DTY A 28 -9.87 0.79 4.09
O DTY A 28 -10.60 0.44 5.00
CB DTY A 28 -8.53 -1.27 4.61
CG DTY A 28 -8.12 -1.04 6.05
CD1 DTY A 28 -6.78 -0.98 6.40
CD2 DTY A 28 -9.08 -0.88 7.05
CE1 DTY A 28 -6.40 -0.78 7.72
CE2 DTY A 28 -8.70 -0.68 8.36
CZ DTY A 28 -7.37 -0.62 8.69
OH DTY A 28 -6.99 -0.42 10.00
H DTY A 28 -7.78 0.10 1.83
HB2 DTY A 28 -7.82 -1.94 4.16
HB3 DTY A 28 -9.50 -1.73 4.61
HD1 DTY A 28 -6.03 -1.09 5.64
HD2 DTY A 28 -10.12 -0.93 6.78
HE1 DTY A 28 -5.36 -0.73 7.98
HE2 DTY A 28 -9.46 -0.56 9.12
HH DTY A 28 -6.68 -1.24 10.38
N PHE A 29 -10.11 1.85 3.32
CA PHE A 29 -11.31 2.67 3.51
C PHE A 29 -12.51 2.04 2.83
N LEU A 30 -12.41 1.82 1.53
CA LEU A 30 -13.49 1.23 0.75
C LEU A 30 -13.40 -0.29 0.76
N GLY A 1 -5.04 9.44 9.01
CA GLY A 1 -6.05 9.27 7.99
C GLY A 1 -5.55 8.43 6.82
N TRP A 2 -5.48 9.05 5.65
CA TRP A 2 -5.00 8.36 4.45
C TRP A 2 -3.57 7.87 4.63
N VAL A 3 -2.78 8.62 5.38
CA VAL A 3 -1.39 8.26 5.63
C VAL A 3 -1.30 6.92 6.35
N ALA A 4 -2.36 6.56 7.07
CA ALA A 4 -2.39 5.30 7.81
C ALA A 4 -2.69 4.13 6.87
N CYS A 5 -3.59 4.36 5.92
CA CYS A 5 -3.97 3.32 4.98
C CYS A 5 -2.81 2.98 4.04
N VAL A 6 -2.13 4.02 3.56
CA VAL A 6 -1.01 3.84 2.66
C VAL A 6 0.11 3.05 3.33
N GLY A 7 0.27 3.25 4.63
CA GLY A 7 1.31 2.54 5.36
C GLY A 7 0.89 1.13 5.76
N ALA A 8 -0.29 1.02 6.36
CA ALA A 8 -0.81 -0.27 6.79
C ALA A 8 -1.21 -1.12 5.58
N CYS A 9 -1.23 -0.50 4.41
CA CYS A 9 -1.59 -1.21 3.18
C CYS A 9 -0.81 -2.51 3.04
N GLY A 10 0.47 -2.38 2.70
CA GLY A 10 1.31 -3.56 2.54
C GLY A 10 2.73 -3.20 2.13
N THR A 11 3.65 -3.26 3.10
CA THR A 11 5.04 -2.94 2.83
C THR A 11 5.66 -3.93 1.86
N VAL A 12 4.96 -5.03 1.61
CA VAL A 12 5.44 -6.06 0.69
C VAL A 12 5.44 -5.54 -0.75
N CYS A 13 4.28 -5.10 -1.22
CA CYS A 13 4.14 -4.60 -2.57
C CYS A 13 5.11 -3.45 -2.82
N LEU A 14 5.52 -2.78 -1.75
CA LEU A 14 6.46 -1.66 -1.85
C LEU A 14 7.83 -2.14 -2.30
N ALA A 15 8.11 -3.43 -2.09
CA ALA A 15 9.39 -4.01 -2.47
C ALA A 15 9.64 -3.85 -3.96
N SER A 16 8.56 -3.61 -4.71
CA SER A 16 8.66 -3.44 -6.15
C SER A 16 8.82 -1.96 -6.52
N GLY A 17 9.29 -1.17 -5.56
CA GLY A 17 9.47 0.25 -5.80
C GLY A 17 8.39 1.09 -5.17
N GLY A 18 7.24 1.17 -5.83
CA GLY A 18 6.14 1.95 -5.32
C GLY A 18 4.84 1.69 -6.07
N VAL A 19 4.95 1.47 -7.38
CA VAL A 19 3.78 1.21 -8.21
C VAL A 19 3.06 -0.05 -7.76
N GLY A 20 3.78 -0.93 -7.08
CA GLY A 20 3.19 -2.17 -6.61
C GLY A 20 2.36 -1.97 -5.34
N THR A 21 2.81 -1.08 -4.47
CA THR A 21 2.11 -0.81 -3.23
C THR A 21 0.64 -0.48 -3.49
N GLU A 22 0.35 0.01 -4.69
CA GLU A 22 -1.03 0.35 -5.06
C GLU A 22 -1.94 -0.86 -4.92
N PHE A 23 -1.35 -2.06 -5.00
CA PHE A 23 -2.12 -3.29 -4.89
C PHE A 23 -2.55 -3.54 -3.44
N ALA A 24 -1.57 -3.65 -2.55
CA ALA A 24 -1.86 -3.87 -1.14
C ALA A 24 -2.64 -2.70 -0.54
N ALA A 25 -2.58 -1.56 -1.20
CA ALA A 25 -3.29 -0.37 -0.74
C ALA A 25 -4.80 -0.53 -0.87
N ALA A 26 -5.21 -1.59 -1.57
CA ALA A 26 -6.64 -1.86 -1.76
C ALA A 26 -7.35 -2.02 -0.42
N SER A 27 -6.62 -2.52 0.57
CA SER A 27 -7.19 -2.73 1.90
C SER A 27 -7.80 -1.44 2.45
N DTY A 28 -6.95 -0.49 2.79
CA DTY A 28 -7.40 0.80 3.31
C DTY A 28 -8.37 1.48 2.34
O DTY A 28 -9.18 2.30 2.74
CB DTY A 28 -8.08 0.61 4.66
CG DTY A 28 -7.17 0.00 5.72
CD1 DTY A 28 -7.05 -1.38 5.85
CD2 DTY A 28 -6.43 0.81 6.58
CE1 DTY A 28 -6.22 -1.93 6.81
CE2 DTY A 28 -5.60 0.26 7.54
CZ DTY A 28 -5.50 -1.11 7.65
OH DTY A 28 -4.67 -1.66 8.60
H DTY A 28 -5.98 -0.64 2.67
HB2 DTY A 28 -8.93 -0.06 4.55
HB3 DTY A 28 -8.42 1.56 5.03
HD1 DTY A 28 -7.61 -2.02 5.19
HD2 DTY A 28 -6.52 1.89 6.48
HE1 DTY A 28 -6.14 -3.00 6.89
HE2 DTY A 28 -5.04 0.90 8.19
HH DTY A 28 -5.21 -2.13 9.24
N PHE A 29 -8.25 1.13 1.07
CA PHE A 29 -9.11 1.70 0.04
C PHE A 29 -10.50 1.08 0.08
N LEU A 30 -10.59 -0.14 0.62
CA LEU A 30 -11.86 -0.84 0.73
C LEU A 30 -12.61 -0.43 1.98
N GLY A 1 -9.49 5.92 9.08
CA GLY A 1 -9.24 7.01 8.17
C GLY A 1 -8.37 6.62 6.99
N TRP A 2 -8.82 6.96 5.78
CA TRP A 2 -8.08 6.62 4.57
C TRP A 2 -6.70 7.27 4.58
N VAL A 3 -6.58 8.37 5.30
CA VAL A 3 -5.31 9.09 5.39
C VAL A 3 -4.24 8.23 6.03
N ALA A 4 -4.66 7.34 6.93
CA ALA A 4 -3.73 6.45 7.62
C ALA A 4 -3.32 5.28 6.73
N CYS A 5 -4.23 4.86 5.86
CA CYS A 5 -3.97 3.74 4.96
C CYS A 5 -2.92 4.13 3.91
N VAL A 6 -3.10 5.30 3.31
CA VAL A 6 -2.17 5.79 2.30
C VAL A 6 -0.77 5.92 2.87
N GLY A 7 -0.68 6.25 4.15
CA GLY A 7 0.62 6.40 4.79
C GLY A 7 1.27 5.07 5.11
N ALA A 8 0.52 4.18 5.74
CA ALA A 8 1.03 2.85 6.10
C ALA A 8 1.22 1.99 4.86
N CYS A 9 0.70 2.46 3.73
CA CYS A 9 0.81 1.72 2.47
C CYS A 9 2.27 1.55 2.07
N GLY A 10 3.14 2.38 2.66
CA GLY A 10 4.56 2.30 2.35
C GLY A 10 5.23 1.11 3.01
N THR A 11 4.89 -0.09 2.56
CA THR A 11 5.46 -1.31 3.12
C THR A 11 4.92 -2.55 2.42
N VAL A 12 5.78 -3.54 2.24
CA VAL A 12 5.38 -4.79 1.58
C VAL A 12 5.08 -4.55 0.10
N CYS A 13 5.47 -3.37 -0.40
CA CYS A 13 5.23 -3.02 -1.79
C CYS A 13 5.86 -4.05 -2.73
N LEU A 14 6.89 -4.73 -2.23
CA LEU A 14 7.59 -5.74 -3.03
C LEU A 14 6.66 -6.90 -3.36
N ALA A 15 5.65 -7.11 -2.53
CA ALA A 15 4.68 -8.18 -2.74
C ALA A 15 4.03 -8.08 -4.12
N SER A 16 4.02 -6.86 -4.66
CA SER A 16 3.43 -6.62 -5.98
C SER A 16 4.49 -6.70 -7.08
N GLY A 17 5.74 -6.59 -6.68
CA GLY A 17 6.83 -6.65 -7.64
C GLY A 17 7.63 -5.36 -7.71
N GLY A 18 7.50 -4.54 -6.66
CA GLY A 18 8.23 -3.29 -6.62
C GLY A 18 7.53 -2.19 -7.40
N VAL A 19 7.27 -2.46 -8.68
CA VAL A 19 6.60 -1.49 -9.54
C VAL A 19 5.19 -1.18 -9.04
N GLY A 20 4.67 -2.06 -8.19
CA GLY A 20 3.35 -1.87 -7.65
C GLY A 20 3.35 -1.15 -6.32
N THR A 21 4.31 -0.24 -6.15
CA THR A 21 4.43 0.52 -4.92
C THR A 21 3.09 1.14 -4.52
N GLU A 22 2.57 2.01 -5.38
CA GLU A 22 1.29 2.67 -5.12
C GLU A 22 0.16 1.64 -5.01
N PHE A 23 0.41 0.45 -5.52
CA PHE A 23 -0.59 -0.62 -5.50
C PHE A 23 -0.75 -1.18 -4.08
N ALA A 24 0.32 -1.10 -3.30
CA ALA A 24 0.30 -1.59 -1.93
C ALA A 24 -0.76 -0.87 -1.10
N ALA A 25 -1.14 0.33 -1.55
CA ALA A 25 -2.15 1.12 -0.86
C ALA A 25 -3.48 0.39 -0.80
N ALA A 26 -3.65 -0.58 -1.69
CA ALA A 26 -4.89 -1.35 -1.74
C ALA A 26 -5.15 -2.06 -0.43
N SER A 27 -4.09 -2.31 0.33
CA SER A 27 -4.20 -2.99 1.62
C SER A 27 -5.19 -2.28 2.53
N DTY A 28 -4.87 -1.03 2.87
CA DTY A 28 -5.74 -0.24 3.74
C DTY A 28 -7.11 -0.03 3.09
O DTY A 28 -8.08 0.28 3.78
CB DTY A 28 -5.89 -0.91 5.09
CG DTY A 28 -6.36 0.03 6.19
CD1 DTY A 28 -7.68 0.01 6.63
CD2 DTY A 28 -5.48 0.95 6.77
CE1 DTY A 28 -8.11 0.87 7.62
CE2 DTY A 28 -5.90 1.81 7.77
CZ DTY A 28 -7.22 1.76 8.19
OH DTY A 28 -7.64 2.62 9.18
H DTY A 28 -4.04 -0.64 2.54
HB2 DTY A 28 -4.94 -1.32 5.40
HB3 DTY A 28 -6.60 -1.71 5.02
HD1 DTY A 28 -8.36 -0.69 6.19
HD2 DTY A 28 -4.45 0.98 6.44
HE1 DTY A 28 -9.13 0.84 7.96
HE2 DTY A 28 -5.22 2.51 8.20
HH DTY A 28 -7.33 3.51 8.99
N PHE A 29 -7.18 -0.23 1.79
CA PHE A 29 -8.43 -0.07 1.06
C PHE A 29 -9.31 -1.30 1.21
N LEU A 30 -8.68 -2.47 1.28
CA LEU A 30 -9.41 -3.72 1.43
C LEU A 30 -10.35 -3.95 0.26
N GLY A 1 -8.44 4.96 9.16
CA GLY A 1 -7.98 3.83 8.38
C GLY A 1 -7.24 4.25 7.13
N TRP A 2 -7.95 4.91 6.22
CA TRP A 2 -7.36 5.36 4.96
C TRP A 2 -6.12 6.20 5.23
N VAL A 3 -6.14 6.94 6.34
CA VAL A 3 -5.01 7.78 6.71
C VAL A 3 -3.76 6.96 7.00
N ALA A 4 -3.93 5.88 7.76
CA ALA A 4 -2.82 5.01 8.10
C ALA A 4 -2.48 4.06 6.95
N CYS A 5 -3.43 3.91 6.03
CA CYS A 5 -3.25 3.04 4.87
C CYS A 5 -2.13 3.55 3.97
N VAL A 6 -1.87 4.86 4.05
CA VAL A 6 -0.84 5.48 3.24
C VAL A 6 0.53 4.86 3.53
N GLY A 7 0.68 4.34 4.74
CA GLY A 7 1.93 3.72 5.13
C GLY A 7 2.19 2.40 4.42
N ALA A 8 1.28 1.44 4.62
CA ALA A 8 1.40 0.13 3.98
C ALA A 8 1.24 0.24 2.47
N CYS A 9 0.54 1.28 2.02
CA CYS A 9 0.30 1.49 0.60
C CYS A 9 1.61 1.61 -0.16
N GLY A 10 2.69 1.96 0.56
CA GLY A 10 3.99 2.10 -0.06
C GLY A 10 5.03 1.22 0.59
N THR A 11 5.10 1.26 1.92
CA THR A 11 6.08 0.46 2.66
C THR A 11 5.88 -1.02 2.39
N VAL A 12 4.66 -1.51 2.62
CA VAL A 12 4.35 -2.91 2.41
C VAL A 12 4.28 -3.24 0.93
N CYS A 13 3.97 -2.24 0.11
CA CYS A 13 3.87 -2.41 -1.33
C CYS A 13 5.17 -2.99 -1.89
N LEU A 14 6.29 -2.52 -1.37
CA LEU A 14 7.60 -3.00 -1.82
C LEU A 14 7.78 -4.48 -1.51
N ALA A 15 7.75 -4.80 -0.22
CA ALA A 15 7.91 -6.18 0.22
C ALA A 15 6.86 -7.09 -0.40
N SER A 16 5.73 -6.49 -0.77
CA SER A 16 4.64 -7.24 -1.39
C SER A 16 4.64 -7.07 -2.89
N GLY A 17 5.79 -6.70 -3.44
CA GLY A 17 5.90 -6.51 -4.88
C GLY A 17 5.76 -5.05 -5.28
N GLY A 18 6.88 -4.43 -5.66
CA GLY A 18 6.85 -3.04 -6.06
C GLY A 18 6.14 -2.83 -7.39
N VAL A 19 5.86 -3.92 -8.08
CA VAL A 19 5.19 -3.86 -9.37
C VAL A 19 3.80 -3.24 -9.24
N GLY A 20 3.23 -3.33 -8.04
CA GLY A 20 1.91 -2.78 -7.81
C GLY A 20 1.89 -1.81 -6.64
N THR A 21 2.91 -0.97 -6.55
CA THR A 21 3.01 0.01 -5.47
C THR A 21 1.69 0.78 -5.30
N GLU A 22 1.32 1.53 -6.33
CA GLU A 22 0.09 2.30 -6.30
C GLU A 22 -1.12 1.40 -6.07
N PHE A 23 -0.97 0.12 -6.39
CA PHE A 23 -2.05 -0.84 -6.23
C PHE A 23 -2.25 -1.18 -4.75
N ALA A 24 -1.17 -1.09 -3.98
CA ALA A 24 -1.23 -1.39 -2.55
C ALA A 24 -2.16 -0.41 -1.82
N ALA A 25 -2.18 0.83 -2.30
CA ALA A 25 -3.03 1.86 -1.70
C ALA A 25 -4.48 1.41 -1.65
N ALA A 26 -4.90 0.68 -2.68
CA ALA A 26 -6.27 0.19 -2.77
C ALA A 26 -6.59 -0.76 -1.62
N SER A 27 -5.62 -1.61 -1.27
CA SER A 27 -5.80 -2.57 -0.19
C SER A 27 -6.24 -1.88 1.09
N DTY A 28 -5.41 -0.96 1.58
CA DTY A 28 -5.72 -0.22 2.81
C DTY A 28 -7.07 0.49 2.67
O DTY A 28 -7.72 0.77 3.67
CB DTY A 28 -5.75 -1.17 4.00
CG DTY A 28 -4.42 -1.83 4.28
CD1 DTY A 28 -3.95 -2.87 3.48
CD2 DTY A 28 -3.61 -1.41 5.33
CE1 DTY A 28 -2.74 -3.48 3.73
CE2 DTY A 28 -2.40 -2.02 5.59
CZ DTY A 28 -1.97 -3.05 4.78
OH DTY A 28 -0.76 -3.65 5.04
H DTY A 28 -4.57 -0.78 1.11
HB2 DTY A 28 -6.47 -1.95 3.82
HB3 DTY A 28 -6.03 -0.62 4.88
HD1 DTY A 28 -4.57 -3.20 2.65
HD2 DTY A 28 -3.96 -0.60 5.96
HE1 DTY A 28 -2.40 -4.29 3.10
HE2 DTY A 28 -1.80 -1.68 6.42
HH DTY A 28 -0.68 -3.84 5.98
N PHE A 29 -7.46 0.79 1.44
CA PHE A 29 -8.72 1.47 1.18
C PHE A 29 -9.89 0.52 1.32
N LEU A 30 -9.73 -0.69 0.78
CA LEU A 30 -10.79 -1.70 0.83
C LEU A 30 -10.68 -2.53 2.11
N GLY A 1 -6.40 7.09 10.09
CA GLY A 1 -7.32 6.67 9.06
C GLY A 1 -6.65 6.49 7.71
N TRP A 2 -6.51 7.58 6.97
CA TRP A 2 -5.89 7.53 5.66
C TRP A 2 -4.37 7.39 5.78
N VAL A 3 -3.82 7.88 6.88
CA VAL A 3 -2.39 7.80 7.12
C VAL A 3 -1.93 6.35 7.28
N ALA A 4 -2.84 5.50 7.74
CA ALA A 4 -2.54 4.09 7.93
C ALA A 4 -2.56 3.34 6.61
N CYS A 5 -3.56 3.63 5.79
CA CYS A 5 -3.70 2.98 4.48
C CYS A 5 -2.57 3.40 3.55
N VAL A 6 -2.29 4.69 3.50
CA VAL A 6 -1.23 5.21 2.64
C VAL A 6 0.12 4.59 3.00
N GLY A 7 0.26 4.17 4.25
CA GLY A 7 1.50 3.56 4.69
C GLY A 7 1.57 2.08 4.37
N ALA A 8 0.45 1.38 4.57
CA ALA A 8 0.40 -0.05 4.30
C ALA A 8 0.48 -0.32 2.79
N CYS A 9 -0.02 0.61 2.00
CA CYS A 9 -0.01 0.47 0.55
C CYS A 9 1.40 0.63 0.00
N GLY A 10 2.28 1.24 0.80
CA GLY A 10 3.66 1.45 0.39
C GLY A 10 4.62 0.48 1.04
N THR A 11 4.48 0.30 2.35
CA THR A 11 5.34 -0.60 3.09
C THR A 11 5.29 -2.01 2.51
N VAL A 12 4.09 -2.47 2.19
CA VAL A 12 3.92 -3.81 1.63
C VAL A 12 4.39 -3.86 0.19
N CYS A 13 4.11 -2.80 -0.56
CA CYS A 13 4.53 -2.72 -1.96
C CYS A 13 6.04 -2.86 -2.10
N LEU A 14 6.77 -2.05 -1.35
CA LEU A 14 8.23 -2.08 -1.39
C LEU A 14 8.75 -3.42 -0.88
N ALA A 15 8.12 -3.93 0.17
CA ALA A 15 8.53 -5.21 0.74
C ALA A 15 8.48 -6.33 -0.29
N SER A 16 7.64 -6.15 -1.32
CA SER A 16 7.50 -7.13 -2.37
C SER A 16 8.38 -6.79 -3.57
N GLY A 17 9.42 -6.00 -3.31
CA GLY A 17 10.32 -5.60 -4.37
C GLY A 17 10.04 -4.20 -4.90
N GLY A 18 8.81 -3.98 -5.35
CA GLY A 18 8.43 -2.69 -5.87
C GLY A 18 7.96 -2.75 -7.32
N VAL A 19 7.56 -3.95 -7.75
CA VAL A 19 7.09 -4.14 -9.12
C VAL A 19 5.81 -3.36 -9.38
N GLY A 20 4.84 -3.49 -8.47
CA GLY A 20 3.58 -2.80 -8.62
C GLY A 20 3.26 -1.93 -7.42
N THR A 21 4.13 -0.96 -7.14
CA THR A 21 3.92 -0.06 -6.01
C THR A 21 2.52 0.50 -6.00
N GLU A 22 2.18 1.27 -7.04
CA GLU A 22 0.85 1.87 -7.14
C GLU A 22 -0.23 0.80 -7.16
N PHE A 23 0.16 -0.42 -7.54
CA PHE A 23 -0.79 -1.54 -7.61
C PHE A 23 -1.14 -2.03 -6.20
N ALA A 24 -0.13 -2.11 -5.34
CA ALA A 24 -0.34 -2.57 -3.97
C ALA A 24 -1.29 -1.63 -3.23
N ALA A 25 -1.35 -0.39 -3.66
CA ALA A 25 -2.22 0.60 -3.03
C ALA A 25 -3.67 0.41 -3.46
N ALA A 26 -4.21 -0.78 -3.18
CA ALA A 26 -5.59 -1.09 -3.53
C ALA A 26 -6.56 -0.16 -2.81
N SER A 27 -6.72 -0.36 -1.51
CA SER A 27 -7.63 0.44 -0.71
C SER A 27 -7.66 -0.04 0.74
N DTY A 28 -6.97 0.69 1.60
CA DTY A 28 -6.91 0.34 3.02
C DTY A 28 -8.30 0.36 3.64
O DTY A 28 -8.53 -0.23 4.70
CB DTY A 28 -6.27 -1.03 3.20
CG DTY A 28 -5.74 -1.27 4.60
CD1 DTY A 28 -4.54 -0.71 5.02
CD2 DTY A 28 -6.44 -2.08 5.50
CE1 DTY A 28 -4.05 -0.93 6.29
CE2 DTY A 28 -5.96 -2.30 6.77
CZ DTY A 28 -4.77 -1.72 7.16
OH DTY A 28 -4.28 -1.94 8.44
H DTY A 28 -6.49 1.49 1.29
HB2 DTY A 28 -5.44 -1.14 2.51
HB3 DTY A 28 -7.00 -1.80 2.99
HD1 DTY A 28 -3.98 -0.08 4.33
HD2 DTY A 28 -7.37 -2.52 5.19
HE1 DTY A 28 -3.13 -0.47 6.60
HE2 DTY A 28 -6.52 -2.92 7.46
HH DTY A 28 -3.33 -1.95 8.42
N PHE A 29 -9.22 1.05 2.98
CA PHE A 29 -10.60 1.14 3.47
C PHE A 29 -11.37 -0.14 3.18
N LEU A 30 -11.18 -0.68 1.98
CA LEU A 30 -11.86 -1.91 1.57
C LEU A 30 -11.02 -2.68 0.56
#